data_8P39
#
_entry.id   8P39
#
_cell.length_a   1.00
_cell.length_b   1.00
_cell.length_c   1.00
_cell.angle_alpha   90.00
_cell.angle_beta   90.00
_cell.angle_gamma   90.00
#
_symmetry.space_group_name_H-M   'P 1'
#
loop_
_entity.id
_entity.type
_entity.pdbx_description
1 polymer 'Anaerobic ribonucleoside-triphosphate reductase'
2 non-polymer "2'-DEOXYGUANOSINE-5'-TRIPHOSPHATE"
3 non-polymer 'MAGNESIUM ION'
4 non-polymer "ADENOSINE-5'-TRIPHOSPHATE"
5 non-polymer 'ZINC ION'
#
_entity_poly.entity_id   1
_entity_poly.type   'polypeptide(L)'
_entity_poly.pdbx_seq_one_letter_code
;GPGSMIQTVVKRDGRIVGFNEQKIMAAIRKAMLHTDKGEDTTLIEQITDHISYRGKSQMSVEAIQDAIEMELMKSARKDV
AQKYIAYRNQRNIARKAKTRDVFMSIVNAKNNDITRENANMNADTPAGMMMKFASETTKPFVDDYLLSEDVRDAVMHNYI
HIHDKDYYPTKSLTCVQHPLDVILNHGFTAGHGSSRPAKRIETAAVLACISLETCQNEMHGGQAIPAFDFYLAPYVRMSY
QEEVKNLEKLTGEDLSNLYDAPIDDYIEKPLDGLQGRERLEQHAINKTVNRVHQAMEAFIHNMNTIHSRGGNQVVFSSIN
YGTDTSAEGRCIMREILQSTYQGVGNGETAIFPIQIWKKKRGVNYLPEDRNYDLYKLACKVTARRFFPNFLNLDATFNQN
EKWRADDPERYKWEIATMGCRTRVFEDRWGEKTSIARGNLSFSTINIVKLAIECMGIENEKQRIDMFFAKLDNILDITAK
QLDERFQFQKTAMAKQFPLLMKYLWVGAENLKPEETIESVINHGTLGIGFIGLAECLVALIGKHHGESEKAQELGLKIIT
YMRDRANEFSEQYHHNYSILATPAEGLSGKFTKKDRKQFGVIPGVTDRDYYTNSNHVPVYYKCTALKKAQIEAPYHDLTR
GGHIFYVEIDGDATHNPSVIESVVDMMDKYNMGYGSVNHNRNRCLDCGYENADAHLEVCPKCGSHHIDKLQRITGYLVGT
TDRWNSGKLAELHDRVTHIGGEK
;
_entity_poly.pdbx_strand_id   A,B
#
# COMPACT_ATOMS: atom_id res chain seq x y z
N ASP A 124 2.14 14.40 -10.11
CA ASP A 124 0.92 14.99 -10.63
C ASP A 124 -0.29 14.43 -9.89
N THR A 125 -0.18 13.17 -9.48
CA THR A 125 -1.23 12.54 -8.69
C THR A 125 -1.30 13.20 -7.31
N PRO A 126 -2.48 13.19 -6.68
CA PRO A 126 -2.59 13.75 -5.32
C PRO A 126 -1.60 13.15 -4.33
N ALA A 127 -1.35 11.84 -4.40
CA ALA A 127 -0.33 11.24 -3.53
C ALA A 127 1.07 11.68 -3.93
N GLY A 128 1.31 11.83 -5.24
CA GLY A 128 2.62 12.26 -5.68
C GLY A 128 2.94 13.70 -5.32
N MET A 129 1.97 14.60 -5.48
CA MET A 129 2.22 16.01 -5.19
C MET A 129 2.31 16.27 -3.69
N MET A 130 1.73 15.38 -2.87
CA MET A 130 1.84 15.55 -1.43
C MET A 130 3.26 15.31 -0.95
N MET A 131 3.98 14.41 -1.60
CA MET A 131 5.34 14.07 -1.15
C MET A 131 6.31 15.23 -1.36
N LYS A 132 6.16 15.96 -2.46
CA LYS A 132 7.10 17.05 -2.74
C LYS A 132 6.88 18.23 -1.80
N PHE A 133 5.69 18.37 -1.22
CA PHE A 133 5.47 19.40 -0.22
C PHE A 133 6.33 19.14 1.02
N ALA A 134 6.39 17.89 1.45
CA ALA A 134 7.26 17.54 2.58
C ALA A 134 8.72 17.69 2.20
N SER A 135 9.10 17.28 0.98
CA SER A 135 10.50 17.34 0.56
C SER A 135 10.99 18.78 0.48
N GLU A 136 10.22 19.66 -0.15
CA GLU A 136 10.61 21.06 -0.26
C GLU A 136 10.57 21.77 1.08
N THR A 137 9.95 21.17 2.10
CA THR A 137 9.95 21.75 3.43
C THR A 137 11.14 21.26 4.25
N THR A 138 11.41 19.96 4.22
CA THR A 138 12.44 19.35 5.05
C THR A 138 13.83 19.44 4.44
N LYS A 139 13.95 19.79 3.17
CA LYS A 139 15.27 19.88 2.54
C LYS A 139 16.00 21.16 2.91
N PRO A 140 15.36 22.35 2.85
CA PRO A 140 16.03 23.55 3.38
C PRO A 140 16.17 23.54 4.89
N PHE A 141 15.43 22.68 5.59
CA PHE A 141 15.53 22.62 7.05
C PHE A 141 16.84 21.99 7.50
N VAL A 142 17.22 20.87 6.87
CA VAL A 142 18.39 20.12 7.32
C VAL A 142 19.69 20.87 7.07
N ASP A 143 19.70 21.82 6.13
CA ASP A 143 20.92 22.55 5.83
C ASP A 143 21.41 23.36 7.03
N ASP A 144 20.51 24.01 7.75
CA ASP A 144 20.86 24.89 8.86
C ASP A 144 20.03 24.55 10.08
N TYR A 145 20.51 23.56 10.85
CA TYR A 145 19.97 23.09 12.13
C TYR A 145 20.46 21.67 12.40
N LEU A 146 21.14 21.06 11.43
CA LEU A 146 21.67 19.71 11.59
C LEU A 146 23.12 19.55 11.14
N LEU A 147 23.64 20.42 10.29
CA LEU A 147 25.00 20.30 9.80
C LEU A 147 25.93 21.25 10.54
N SER A 148 27.19 20.83 10.69
CA SER A 148 28.21 21.69 11.25
C SER A 148 28.62 22.76 10.25
N GLU A 149 29.33 23.78 10.74
CA GLU A 149 29.70 24.90 9.87
C GLU A 149 30.65 24.48 8.76
N ASP A 150 31.61 23.61 9.07
CA ASP A 150 32.57 23.19 8.06
C ASP A 150 31.92 22.36 6.97
N VAL A 151 31.03 21.42 7.35
CA VAL A 151 30.34 20.62 6.34
C VAL A 151 29.32 21.48 5.60
N ARG A 152 28.71 22.46 6.26
CA ARG A 152 27.76 23.34 5.58
C ARG A 152 28.42 24.08 4.44
N ASP A 153 29.60 24.66 4.69
CA ASP A 153 30.31 25.38 3.64
C ASP A 153 30.75 24.45 2.52
N ALA A 154 31.25 23.26 2.88
CA ALA A 154 31.65 22.30 1.86
C ALA A 154 30.47 21.86 1.01
N VAL A 155 29.32 21.59 1.65
CA VAL A 155 28.11 21.26 0.92
C VAL A 155 27.64 22.47 0.10
N MET A 156 27.69 23.66 0.70
CA MET A 156 27.24 24.86 -0.01
C MET A 156 28.11 25.16 -1.22
N HIS A 157 29.41 24.87 -1.14
CA HIS A 157 30.35 25.17 -2.23
C HIS A 157 30.36 24.09 -3.30
N ASN A 158 29.34 23.22 -3.35
CA ASN A 158 29.17 22.23 -4.41
C ASN A 158 30.37 21.28 -4.51
N TYR A 159 30.87 20.85 -3.35
CA TYR A 159 31.97 19.90 -3.31
C TYR A 159 31.54 18.49 -2.93
N ILE A 160 30.58 18.37 -2.02
CA ILE A 160 30.11 17.08 -1.55
C ILE A 160 28.59 17.02 -1.73
N HIS A 161 28.10 15.91 -2.25
CA HIS A 161 26.66 15.70 -2.45
C HIS A 161 26.17 14.68 -1.44
N ILE A 162 25.07 15.01 -0.77
CA ILE A 162 24.44 14.12 0.20
C ILE A 162 23.26 13.44 -0.50
N HIS A 163 23.40 12.14 -0.77
CA HIS A 163 22.34 11.41 -1.44
C HIS A 163 21.16 11.20 -0.50
N ASP A 164 19.95 11.46 -1.02
CA ASP A 164 18.71 11.29 -0.27
C ASP A 164 18.71 12.13 1.01
N LYS A 165 18.79 13.44 0.84
CA LYS A 165 18.76 14.36 1.96
C LYS A 165 17.35 14.67 2.43
N ASP A 166 16.33 14.31 1.66
CA ASP A 166 14.95 14.56 2.08
C ASP A 166 14.61 13.76 3.33
N TYR A 167 15.03 12.49 3.38
CA TYR A 167 14.74 11.61 4.50
C TYR A 167 15.74 11.75 5.64
N TYR A 168 16.49 12.86 5.67
CA TYR A 168 17.47 13.08 6.73
C TYR A 168 16.84 13.08 8.11
N PRO A 169 15.76 13.84 8.38
CA PRO A 169 15.15 13.77 9.72
C PRO A 169 14.57 12.42 10.07
N THR A 170 14.10 11.67 9.08
CA THR A 170 13.44 10.40 9.36
C THR A 170 14.42 9.31 9.79
N LYS A 171 15.72 9.51 9.56
CA LYS A 171 16.76 8.55 9.96
C LYS A 171 16.53 7.18 9.32
N SER A 172 16.57 7.16 7.99
CA SER A 172 16.30 5.96 7.21
C SER A 172 17.57 5.42 6.56
N LEU A 173 17.53 4.15 6.20
CA LEU A 173 18.64 3.45 5.57
C LEU A 173 18.34 3.21 4.10
N THR A 174 19.34 2.70 3.38
CA THR A 174 19.25 2.63 1.93
C THR A 174 18.50 1.40 1.44
N CYS A 175 19.02 0.20 1.71
CA CYS A 175 18.50 -1.01 1.06
C CYS A 175 18.87 -2.23 1.88
N VAL A 176 18.41 -3.40 1.42
CA VAL A 176 18.66 -4.67 2.09
C VAL A 176 18.37 -5.79 1.11
N GLN A 177 19.03 -6.93 1.31
CA GLN A 177 18.74 -8.15 0.56
C GLN A 177 17.73 -8.98 1.34
N HIS A 178 16.60 -9.29 0.71
CA HIS A 178 15.45 -9.85 1.43
C HIS A 178 15.64 -11.34 1.70
N PRO A 179 15.71 -11.77 2.95
CA PRO A 179 15.65 -13.20 3.26
C PRO A 179 14.20 -13.69 3.26
N LEU A 180 13.85 -14.49 2.25
CA LEU A 180 12.46 -14.92 2.08
C LEU A 180 12.19 -16.29 2.68
N ASP A 181 13.21 -17.08 2.99
CA ASP A 181 12.98 -18.39 3.56
C ASP A 181 12.36 -18.27 4.95
N VAL A 182 12.82 -17.31 5.75
CA VAL A 182 12.26 -17.13 7.09
C VAL A 182 10.85 -16.55 7.00
N ILE A 183 10.62 -15.62 6.08
CA ILE A 183 9.31 -14.99 5.95
C ILE A 183 8.26 -16.02 5.50
N LEU A 184 8.60 -16.85 4.52
CA LEU A 184 7.62 -17.78 3.97
C LEU A 184 7.24 -18.87 4.96
N ASN A 185 8.21 -19.37 5.73
CA ASN A 185 7.94 -20.50 6.60
C ASN A 185 7.08 -20.13 7.81
N HIS A 186 7.04 -18.86 8.19
CA HIS A 186 6.28 -18.43 9.35
C HIS A 186 5.34 -17.26 9.09
N GLY A 187 5.24 -16.79 7.85
CA GLY A 187 4.43 -15.62 7.58
C GLY A 187 5.10 -14.36 8.10
N PHE A 188 4.32 -13.28 8.15
CA PHE A 188 4.83 -12.03 8.66
C PHE A 188 3.66 -11.13 9.04
N THR A 189 3.76 -10.50 10.21
CA THR A 189 2.70 -9.65 10.76
C THR A 189 3.24 -8.22 10.90
N ALA A 190 2.94 -7.38 9.92
CA ALA A 190 3.30 -5.97 9.95
C ALA A 190 2.06 -5.13 10.20
N GLY A 191 2.15 -4.22 11.16
CA GLY A 191 0.98 -3.44 11.53
C GLY A 191 -0.09 -4.34 12.11
N HIS A 192 -1.29 -4.29 11.52
CA HIS A 192 -2.36 -5.20 11.87
C HIS A 192 -2.60 -6.28 10.82
N GLY A 193 -1.80 -6.30 9.75
CA GLY A 193 -1.94 -7.31 8.72
C GLY A 193 -1.08 -8.52 9.02
N SER A 194 -1.69 -9.71 8.96
CA SER A 194 -1.02 -10.95 9.30
C SER A 194 -1.33 -12.01 8.24
N SER A 195 -0.43 -12.99 8.14
CA SER A 195 -0.57 -14.07 7.18
C SER A 195 -0.04 -15.36 7.78
N ARG A 196 -0.42 -16.48 7.17
CA ARG A 196 -0.03 -17.82 7.60
C ARG A 196 1.08 -18.36 6.71
N PRO A 197 1.82 -19.37 7.19
CA PRO A 197 2.86 -19.98 6.36
C PRO A 197 2.27 -20.56 5.07
N ALA A 198 3.03 -20.43 3.99
CA ALA A 198 2.56 -20.89 2.69
C ALA A 198 2.59 -22.41 2.61
N LYS A 199 1.61 -22.98 1.91
CA LYS A 199 1.54 -24.42 1.68
C LYS A 199 1.20 -24.75 0.24
N ARG A 200 1.44 -23.83 -0.68
CA ARG A 200 1.10 -24.00 -2.09
C ARG A 200 1.96 -23.05 -2.91
N ILE A 201 2.02 -23.30 -4.21
CA ILE A 201 2.82 -22.45 -5.09
C ILE A 201 2.16 -21.08 -5.24
N GLU A 202 0.83 -21.03 -5.31
CA GLU A 202 0.14 -19.75 -5.39
C GLU A 202 0.36 -18.92 -4.13
N THR A 203 0.29 -19.56 -2.96
CA THR A 203 0.42 -18.82 -1.72
C THR A 203 1.87 -18.39 -1.48
N ALA A 204 2.83 -19.21 -1.91
CA ALA A 204 4.23 -18.87 -1.70
C ALA A 204 4.66 -17.67 -2.53
N ALA A 205 4.26 -17.64 -3.80
CA ALA A 205 4.67 -16.55 -4.68
C ALA A 205 4.02 -15.23 -4.29
N VAL A 206 2.75 -15.27 -3.89
CA VAL A 206 2.03 -14.03 -3.62
C VAL A 206 2.56 -13.35 -2.36
N LEU A 207 2.95 -14.14 -1.34
CA LEU A 207 3.46 -13.54 -0.11
C LEU A 207 4.84 -12.93 -0.33
N ALA A 208 5.59 -13.42 -1.33
CA ALA A 208 6.89 -12.83 -1.62
C ALA A 208 6.75 -11.38 -2.08
N CYS A 209 5.69 -11.09 -2.84
CA CYS A 209 5.46 -9.73 -3.30
C CYS A 209 5.20 -8.78 -2.13
N ILE A 210 4.40 -9.22 -1.15
CA ILE A 210 4.04 -8.35 -0.04
C ILE A 210 5.26 -8.04 0.81
N SER A 211 6.17 -8.99 0.97
CA SER A 211 7.39 -8.73 1.71
C SER A 211 8.24 -7.66 1.05
N LEU A 212 8.12 -7.51 -0.27
CA LEU A 212 8.80 -6.43 -0.99
C LEU A 212 8.02 -5.13 -0.99
N GLU A 213 6.77 -5.13 -0.53
CA GLU A 213 5.94 -3.93 -0.53
C GLU A 213 5.91 -3.21 0.80
N THR A 214 5.95 -3.94 1.92
CA THR A 214 5.91 -3.30 3.23
C THR A 214 7.25 -2.65 3.57
N CYS A 215 8.35 -3.31 3.24
CA CYS A 215 9.67 -2.79 3.61
C CYS A 215 10.03 -1.54 2.82
N GLN A 216 9.46 -1.36 1.62
CA GLN A 216 9.81 -0.22 0.80
C GLN A 216 9.40 1.09 1.46
N ASN A 217 8.24 1.12 2.10
CA ASN A 217 7.77 2.32 2.78
C ASN A 217 8.62 2.67 4.00
N GLU A 218 9.48 1.76 4.46
CA GLU A 218 10.34 1.99 5.60
C GLU A 218 11.75 2.40 5.21
N MET A 219 12.07 2.45 3.91
CA MET A 219 13.39 2.83 3.43
C MET A 219 13.24 3.80 2.27
N HIS A 220 14.37 4.21 1.70
CA HIS A 220 14.37 5.12 0.56
C HIS A 220 15.13 4.54 -0.63
N GLY A 221 15.29 3.22 -0.69
CA GLY A 221 16.04 2.59 -1.77
C GLY A 221 15.27 1.52 -2.52
N GLY A 222 15.87 0.33 -2.65
CA GLY A 222 15.28 -0.74 -3.41
C GLY A 222 15.44 -2.07 -2.72
N GLN A 223 14.80 -3.09 -3.30
CA GLN A 223 14.77 -4.43 -2.75
C GLN A 223 15.28 -5.44 -3.77
N ALA A 224 15.70 -6.60 -3.28
CA ALA A 224 16.18 -7.67 -4.13
C ALA A 224 15.97 -9.01 -3.44
N ILE A 225 15.92 -10.07 -4.24
CA ILE A 225 15.75 -11.44 -3.76
C ILE A 225 17.04 -12.20 -4.06
N PRO A 226 17.80 -12.62 -3.05
CA PRO A 226 19.01 -13.43 -3.29
C PRO A 226 18.65 -14.90 -3.47
N ALA A 227 19.07 -15.48 -4.59
CA ALA A 227 18.86 -16.89 -4.88
C ALA A 227 17.37 -17.25 -4.86
N PHE A 228 16.64 -16.63 -5.79
CA PHE A 228 15.20 -16.87 -5.90
C PHE A 228 14.88 -18.32 -6.23
N ASP A 229 15.81 -19.06 -6.83
CA ASP A 229 15.53 -20.44 -7.22
C ASP A 229 15.30 -21.34 -6.01
N PHE A 230 16.10 -21.16 -4.95
CA PHE A 230 16.01 -22.05 -3.81
C PHE A 230 14.70 -21.88 -3.06
N TYR A 231 14.18 -20.66 -2.98
CA TYR A 231 13.01 -20.39 -2.16
C TYR A 231 11.78 -21.09 -2.70
N LEU A 232 11.54 -21.00 -4.01
CA LEU A 232 10.36 -21.62 -4.64
C LEU A 232 10.78 -22.97 -5.21
N ALA A 233 10.80 -23.99 -4.35
CA ALA A 233 11.18 -25.33 -4.77
C ALA A 233 10.51 -26.38 -3.89
N PRO A 234 10.53 -26.26 -2.56
CA PRO A 234 9.75 -27.22 -1.76
C PRO A 234 8.26 -27.20 -2.08
N TYR A 235 7.72 -26.03 -2.41
CA TYR A 235 6.28 -25.90 -2.61
C TYR A 235 5.85 -26.33 -4.01
N VAL A 236 6.79 -26.46 -4.95
CA VAL A 236 6.47 -27.12 -6.21
C VAL A 236 6.14 -28.59 -5.96
N ARG A 237 6.95 -29.25 -5.13
CA ARG A 237 6.65 -30.61 -4.73
C ARG A 237 5.44 -30.67 -3.79
N MET A 238 5.38 -29.74 -2.83
CA MET A 238 4.34 -29.80 -1.80
C MET A 238 2.96 -29.52 -2.35
N SER A 239 2.84 -28.70 -3.39
CA SER A 239 1.55 -28.49 -4.05
C SER A 239 1.11 -29.73 -4.81
N TYR A 240 2.06 -30.55 -5.29
CA TYR A 240 1.77 -31.80 -5.96
C TYR A 240 1.85 -33.00 -5.03
N GLN A 241 2.54 -32.88 -3.90
CA GLN A 241 2.60 -33.98 -2.94
C GLN A 241 1.22 -34.32 -2.39
N GLU A 242 0.44 -33.30 -2.02
CA GLU A 242 -0.92 -33.52 -1.55
C GLU A 242 -1.94 -33.51 -2.66
N GLU A 243 -1.54 -33.18 -3.89
CA GLU A 243 -2.43 -33.28 -5.04
C GLU A 243 -2.68 -34.74 -5.41
N VAL A 244 -1.73 -35.62 -5.14
CA VAL A 244 -1.94 -37.04 -5.41
C VAL A 244 -2.99 -37.62 -4.47
N LYS A 245 -3.15 -37.02 -3.28
CA LYS A 245 -4.19 -37.46 -2.36
C LYS A 245 -5.58 -37.00 -2.77
N ASN A 246 -5.66 -35.98 -3.63
CA ASN A 246 -6.95 -35.53 -4.17
C ASN A 246 -7.29 -36.21 -5.48
N LEU A 247 -6.28 -36.62 -6.25
CA LEU A 247 -6.48 -37.38 -7.48
C LEU A 247 -6.72 -38.86 -7.22
N GLU A 248 -6.55 -39.31 -5.99
CA GLU A 248 -6.69 -40.71 -5.61
C GLU A 248 -8.10 -41.06 -5.15
N LYS A 249 -8.77 -40.13 -4.46
CA LYS A 249 -10.07 -40.43 -3.87
C LYS A 249 -11.13 -40.73 -4.92
N LEU A 250 -10.96 -40.26 -6.16
CA LEU A 250 -11.85 -40.67 -7.24
C LEU A 250 -11.71 -42.15 -7.53
N THR A 251 -10.47 -42.67 -7.54
CA THR A 251 -10.21 -44.06 -7.86
C THR A 251 -10.32 -44.95 -6.62
N GLY A 252 -9.53 -44.65 -5.59
CA GLY A 252 -9.58 -45.38 -4.34
C GLY A 252 -8.36 -46.20 -4.04
N GLU A 253 -7.52 -46.48 -5.03
CA GLU A 253 -6.31 -47.24 -4.78
C GLU A 253 -5.31 -46.42 -3.98
N ASP A 254 -4.65 -47.08 -3.02
CA ASP A 254 -3.71 -46.42 -2.12
C ASP A 254 -2.40 -46.16 -2.87
N LEU A 255 -2.34 -45.00 -3.54
CA LEU A 255 -1.14 -44.61 -4.30
C LEU A 255 -0.21 -43.78 -3.42
N SER A 256 0.31 -44.41 -2.36
CA SER A 256 1.20 -43.70 -1.44
C SER A 256 2.66 -43.80 -1.89
N ASN A 257 2.92 -43.55 -3.17
CA ASN A 257 4.28 -43.37 -3.66
C ASN A 257 4.22 -42.46 -4.89
N LEU A 258 4.32 -41.15 -4.65
CA LEU A 258 4.52 -40.20 -5.74
C LEU A 258 5.41 -39.03 -5.33
N TYR A 259 6.03 -39.09 -4.16
CA TYR A 259 6.85 -38.01 -3.62
C TYR A 259 8.29 -38.40 -3.40
N ASP A 260 8.54 -39.61 -2.87
CA ASP A 260 9.90 -40.06 -2.60
C ASP A 260 10.41 -40.89 -3.77
N ALA A 261 10.68 -40.19 -4.87
CA ALA A 261 11.23 -40.80 -6.07
C ALA A 261 12.08 -39.76 -6.78
N PRO A 262 13.12 -40.19 -7.50
CA PRO A 262 13.95 -39.24 -8.24
C PRO A 262 13.27 -38.79 -9.53
N ILE A 263 12.77 -37.56 -9.52
CA ILE A 263 12.17 -36.98 -10.72
C ILE A 263 13.27 -36.37 -11.58
N ASP A 264 13.20 -36.62 -12.88
CA ASP A 264 14.25 -36.10 -13.78
C ASP A 264 14.07 -34.60 -14.04
N ASP A 265 12.93 -34.22 -14.64
CA ASP A 265 12.74 -32.83 -15.03
C ASP A 265 11.30 -32.34 -14.87
N TYR A 266 10.42 -33.12 -14.27
CA TYR A 266 8.98 -32.82 -14.24
C TYR A 266 8.46 -32.59 -15.66
N ILE A 267 8.76 -33.53 -16.55
CA ILE A 267 8.53 -33.37 -17.97
C ILE A 267 7.04 -33.38 -18.29
N GLU A 268 6.69 -32.95 -19.51
CA GLU A 268 5.31 -32.93 -19.98
C GLU A 268 5.18 -33.80 -21.21
N LYS A 269 3.99 -34.35 -21.43
CA LYS A 269 3.73 -35.25 -22.53
C LYS A 269 2.58 -34.74 -23.39
N PRO A 270 2.54 -35.13 -24.67
CA PRO A 270 1.43 -34.68 -25.54
C PRO A 270 0.09 -35.34 -25.25
N LEU A 271 0.02 -36.19 -24.22
CA LEU A 271 -1.24 -36.81 -23.79
C LEU A 271 -1.89 -37.59 -24.94
N ASP A 272 -1.08 -38.30 -25.71
CA ASP A 272 -1.56 -39.07 -26.85
C ASP A 272 -1.78 -40.51 -26.41
N GLY A 273 -2.94 -40.78 -25.84
CA GLY A 273 -3.33 -42.12 -25.49
C GLY A 273 -2.50 -42.79 -24.43
N LEU A 274 -2.21 -42.09 -23.34
CA LEU A 274 -1.60 -42.73 -22.18
C LEU A 274 -2.62 -43.67 -21.53
N GLN A 275 -2.13 -44.82 -21.07
CA GLN A 275 -3.03 -45.85 -20.53
C GLN A 275 -2.24 -46.69 -19.53
N GLY A 276 -2.84 -46.93 -18.37
CA GLY A 276 -2.25 -47.83 -17.38
C GLY A 276 -2.77 -47.50 -16.01
N ARG A 277 -2.36 -48.33 -15.04
CA ARG A 277 -2.60 -47.98 -13.64
C ARG A 277 -1.81 -46.74 -13.26
N GLU A 278 -0.56 -46.66 -13.69
CA GLU A 278 0.32 -45.53 -13.39
C GLU A 278 0.01 -44.31 -14.23
N ARG A 279 -1.09 -44.32 -14.99
CA ARG A 279 -1.52 -43.12 -15.68
C ARG A 279 -1.91 -42.02 -14.70
N LEU A 280 -2.26 -42.39 -13.46
CA LEU A 280 -2.48 -41.40 -12.42
C LEU A 280 -1.16 -40.80 -11.93
N GLU A 281 -0.09 -41.58 -11.96
CA GLU A 281 1.22 -41.07 -11.54
C GLU A 281 1.70 -39.98 -12.49
N GLN A 282 1.50 -40.15 -13.79
CA GLN A 282 1.86 -39.11 -14.74
C GLN A 282 0.87 -37.96 -14.72
N HIS A 283 -0.40 -38.24 -14.42
CA HIS A 283 -1.39 -37.17 -14.32
C HIS A 283 -1.15 -36.29 -13.10
N ALA A 284 -0.66 -36.87 -12.01
CA ALA A 284 -0.42 -36.08 -10.79
C ALA A 284 0.67 -35.04 -11.00
N ILE A 285 1.79 -35.46 -11.59
CA ILE A 285 2.87 -34.51 -11.89
C ILE A 285 2.42 -33.53 -12.97
N ASN A 286 1.54 -33.95 -13.88
CA ASN A 286 1.02 -33.04 -14.88
C ASN A 286 0.19 -31.92 -14.25
N LYS A 287 -0.21 -32.08 -12.99
CA LYS A 287 -1.03 -31.09 -12.31
C LYS A 287 -0.23 -29.94 -11.72
N THR A 288 1.06 -30.13 -11.45
CA THR A 288 1.86 -29.08 -10.83
C THR A 288 2.60 -28.21 -11.83
N VAL A 289 2.91 -28.73 -13.02
CA VAL A 289 3.59 -27.92 -14.02
C VAL A 289 2.67 -26.80 -14.51
N ASN A 290 1.40 -27.12 -14.75
CA ASN A 290 0.43 -26.08 -15.11
C ASN A 290 0.20 -25.12 -13.96
N ARG A 291 0.16 -25.63 -12.73
CA ARG A 291 -0.10 -24.78 -11.57
C ARG A 291 1.11 -23.88 -11.27
N VAL A 292 2.33 -24.40 -11.45
CA VAL A 292 3.52 -23.58 -11.26
C VAL A 292 3.56 -22.45 -12.28
N HIS A 293 3.22 -22.75 -13.54
CA HIS A 293 3.17 -21.73 -14.56
C HIS A 293 2.17 -20.64 -14.21
N GLN A 294 1.00 -21.04 -13.69
CA GLN A 294 0.02 -20.06 -13.24
C GLN A 294 0.53 -19.28 -12.02
N ALA A 295 1.24 -19.97 -11.12
CA ALA A 295 1.70 -19.33 -9.89
C ALA A 295 2.69 -18.20 -10.18
N MET A 296 3.61 -18.42 -11.12
CA MET A 296 4.64 -17.42 -11.37
C MET A 296 4.09 -16.24 -12.17
N GLU A 297 2.95 -16.42 -12.84
CA GLU A 297 2.33 -15.30 -13.53
C GLU A 297 1.85 -14.25 -12.53
N ALA A 298 1.43 -14.69 -11.34
CA ALA A 298 1.02 -13.74 -10.31
C ALA A 298 2.19 -12.89 -9.84
N PHE A 299 3.37 -13.51 -9.68
CA PHE A 299 4.52 -12.80 -9.13
C PHE A 299 4.98 -11.67 -10.05
N ILE A 300 5.08 -11.96 -11.35
CA ILE A 300 5.54 -10.94 -12.29
C ILE A 300 4.50 -9.83 -12.43
N HIS A 301 3.22 -10.18 -12.40
CA HIS A 301 2.18 -9.17 -12.54
C HIS A 301 2.08 -8.30 -11.29
N ASN A 302 2.18 -8.91 -10.10
CA ASN A 302 2.03 -8.15 -8.87
C ASN A 302 3.12 -7.11 -8.71
N MET A 303 4.36 -7.47 -9.01
CA MET A 303 5.47 -6.54 -8.87
C MET A 303 5.57 -5.54 -10.01
N ASN A 304 4.69 -5.65 -11.02
CA ASN A 304 4.72 -4.75 -12.16
C ASN A 304 3.54 -3.79 -12.21
N THR A 305 2.45 -4.07 -11.49
CA THR A 305 1.25 -3.27 -11.57
C THR A 305 0.80 -2.66 -10.25
N ILE A 306 1.40 -3.04 -9.12
CA ILE A 306 1.01 -2.51 -7.83
C ILE A 306 1.85 -1.27 -7.54
N HIS A 307 1.21 -0.10 -7.57
CA HIS A 307 1.87 1.17 -7.25
C HIS A 307 1.59 1.48 -5.78
N SER A 308 2.62 1.35 -4.94
CA SER A 308 2.41 1.48 -3.50
C SER A 308 3.36 2.49 -2.86
N ARG A 309 4.54 2.65 -3.44
CA ARG A 309 5.51 3.59 -2.88
C ARG A 309 5.02 5.02 -3.02
N GLY A 310 5.40 5.85 -2.05
CA GLY A 310 5.05 7.27 -2.12
C GLY A 310 5.96 8.00 -3.10
N GLY A 311 5.33 8.83 -3.93
CA GLY A 311 6.08 9.59 -4.92
C GLY A 311 6.20 8.90 -6.25
N ASN A 312 7.34 8.23 -6.49
CA ASN A 312 7.55 7.55 -7.76
C ASN A 312 6.55 6.43 -7.99
N GLN A 313 5.97 5.90 -6.92
CA GLN A 313 4.89 4.90 -6.98
C GLN A 313 5.30 3.61 -7.66
N VAL A 314 6.57 3.21 -7.57
CA VAL A 314 7.03 1.93 -8.06
C VAL A 314 7.97 1.32 -7.03
N VAL A 315 7.80 0.03 -6.76
CA VAL A 315 8.64 -0.68 -5.80
C VAL A 315 9.75 -1.39 -6.57
N PHE A 316 11.00 -1.09 -6.24
CA PHE A 316 12.13 -1.74 -6.88
C PHE A 316 12.24 -3.20 -6.42
N SER A 317 12.65 -4.06 -7.34
CA SER A 317 12.78 -5.48 -7.03
C SER A 317 13.84 -6.09 -7.93
N SER A 318 14.36 -7.24 -7.50
CA SER A 318 15.36 -7.98 -8.24
C SER A 318 15.42 -9.41 -7.70
N ILE A 319 15.64 -10.37 -8.59
CA ILE A 319 15.73 -11.77 -8.20
C ILE A 319 16.99 -12.38 -8.82
N ASN A 320 17.46 -13.46 -8.19
CA ASN A 320 18.66 -14.16 -8.62
C ASN A 320 18.35 -15.65 -8.76
N TYR A 321 18.76 -16.24 -9.87
CA TYR A 321 18.57 -17.68 -10.08
C TYR A 321 19.54 -18.13 -11.18
N GLY A 322 19.82 -19.44 -11.17
CA GLY A 322 20.69 -20.01 -12.17
C GLY A 322 21.68 -21.03 -11.65
N THR A 323 21.66 -21.29 -10.34
CA THR A 323 22.63 -22.18 -9.71
C THR A 323 21.96 -23.30 -8.91
N ASP A 324 20.73 -23.65 -9.25
CA ASP A 324 20.02 -24.75 -8.61
C ASP A 324 19.80 -25.86 -9.63
N THR A 325 20.11 -27.09 -9.24
CA THR A 325 20.07 -28.23 -10.14
C THR A 325 19.11 -29.33 -9.72
N SER A 326 18.41 -29.17 -8.59
CA SER A 326 17.50 -30.20 -8.14
C SER A 326 16.28 -30.28 -9.05
N ALA A 327 15.52 -31.36 -8.91
CA ALA A 327 14.37 -31.59 -9.77
C ALA A 327 13.33 -30.49 -9.58
N GLU A 328 13.05 -30.11 -8.34
CA GLU A 328 12.13 -29.01 -8.10
C GLU A 328 12.68 -27.69 -8.62
N GLY A 329 13.97 -27.43 -8.37
CA GLY A 329 14.57 -26.17 -8.79
C GLY A 329 14.65 -26.04 -10.31
N ARG A 330 14.92 -27.13 -11.01
CA ARG A 330 14.95 -27.09 -12.47
C ARG A 330 13.56 -26.76 -13.04
N CYS A 331 12.51 -27.25 -12.38
CA CYS A 331 11.16 -26.97 -12.85
C CYS A 331 10.80 -25.49 -12.67
N ILE A 332 11.09 -24.95 -11.48
CA ILE A 332 10.70 -23.56 -11.20
C ILE A 332 11.51 -22.59 -12.05
N MET A 333 12.80 -22.88 -12.25
CA MET A 333 13.64 -22.00 -13.05
C MET A 333 13.19 -21.98 -14.51
N ARG A 334 12.79 -23.13 -15.04
CA ARG A 334 12.32 -23.18 -16.43
C ARG A 334 11.05 -22.36 -16.61
N GLU A 335 10.09 -22.52 -15.70
CA GLU A 335 8.83 -21.78 -15.82
C GLU A 335 9.05 -20.28 -15.70
N ILE A 336 10.00 -19.87 -14.86
CA ILE A 336 10.35 -18.45 -14.76
C ILE A 336 10.79 -17.93 -16.11
N LEU A 337 11.64 -18.69 -16.81
CA LEU A 337 12.05 -18.30 -18.15
C LEU A 337 10.90 -18.45 -19.15
N GLN A 338 10.07 -19.49 -18.97
CA GLN A 338 8.93 -19.68 -19.87
C GLN A 338 7.90 -18.57 -19.72
N SER A 339 7.58 -18.18 -18.48
CA SER A 339 6.63 -17.10 -18.27
C SER A 339 7.17 -15.78 -18.81
N THR A 340 8.44 -15.49 -18.54
CA THR A 340 9.05 -14.27 -19.05
C THR A 340 9.08 -14.24 -20.57
N TYR A 341 9.20 -15.41 -21.20
CA TYR A 341 9.18 -15.48 -22.65
C TYR A 341 7.84 -15.04 -23.22
N GLN A 342 6.77 -15.16 -22.43
CA GLN A 342 5.43 -14.79 -22.88
C GLN A 342 5.11 -13.32 -22.62
N GLY A 343 5.47 -12.81 -21.45
CA GLY A 343 5.22 -11.43 -21.09
C GLY A 343 4.19 -11.30 -19.99
N VAL A 344 3.63 -10.09 -19.89
CA VAL A 344 2.60 -9.77 -18.92
C VAL A 344 1.42 -9.12 -19.66
N GLY A 345 0.23 -9.64 -19.42
CA GLY A 345 -0.97 -9.13 -20.06
C GLY A 345 -1.16 -9.66 -21.46
N ASN A 346 -0.44 -9.09 -22.42
CA ASN A 346 -0.45 -9.62 -23.80
C ASN A 346 0.90 -9.28 -24.44
N GLY A 347 1.83 -10.22 -24.33
CA GLY A 347 3.11 -10.10 -25.02
C GLY A 347 3.87 -8.82 -24.74
N GLU A 348 3.93 -8.41 -23.47
CA GLU A 348 4.56 -7.15 -23.09
C GLU A 348 5.73 -7.44 -22.15
N THR A 349 6.86 -6.78 -22.41
CA THR A 349 8.04 -6.96 -21.58
C THR A 349 7.84 -6.29 -20.21
N ALA A 350 8.16 -7.01 -19.15
CA ALA A 350 7.99 -6.49 -17.81
C ALA A 350 9.18 -5.60 -17.42
N ILE A 351 8.91 -4.64 -16.54
CA ILE A 351 9.97 -3.76 -16.04
C ILE A 351 10.54 -4.26 -14.72
N PHE A 352 9.74 -4.96 -13.93
CA PHE A 352 10.17 -5.54 -12.67
C PHE A 352 9.65 -6.96 -12.57
N PRO A 353 10.33 -7.85 -11.83
CA PRO A 353 11.62 -7.67 -11.16
C PRO A 353 12.80 -7.79 -12.12
N ILE A 354 13.97 -7.27 -11.74
CA ILE A 354 15.16 -7.39 -12.56
C ILE A 354 15.72 -8.80 -12.43
N GLN A 355 16.05 -9.41 -13.56
CA GLN A 355 16.50 -10.80 -13.60
C GLN A 355 18.03 -10.87 -13.58
N ILE A 356 18.57 -11.76 -12.76
CA ILE A 356 20.00 -11.96 -12.63
C ILE A 356 20.28 -13.46 -12.74
N TRP A 357 21.30 -13.82 -13.53
CA TRP A 357 21.67 -15.21 -13.79
C TRP A 357 23.05 -15.48 -13.24
N LYS A 358 23.20 -16.61 -12.54
CA LYS A 358 24.49 -17.03 -12.00
C LYS A 358 25.22 -17.92 -12.99
N LYS A 359 26.54 -17.73 -13.09
CA LYS A 359 27.37 -18.47 -14.03
C LYS A 359 28.63 -19.03 -13.35
N LYS A 360 28.44 -19.66 -12.20
CA LYS A 360 29.56 -20.34 -11.54
C LYS A 360 29.95 -21.60 -12.31
N ARG A 361 31.26 -21.76 -12.51
CA ARG A 361 31.77 -22.93 -13.23
C ARG A 361 31.69 -24.18 -12.36
N GLY A 362 31.33 -25.29 -12.99
CA GLY A 362 31.12 -26.55 -12.32
C GLY A 362 29.66 -26.89 -12.08
N VAL A 363 28.77 -25.91 -12.11
CA VAL A 363 27.34 -26.13 -12.02
C VAL A 363 26.65 -25.84 -13.34
N ASN A 364 27.00 -24.73 -13.98
CA ASN A 364 26.54 -24.41 -15.33
C ASN A 364 27.73 -23.83 -16.09
N TYR A 365 27.45 -23.29 -17.28
CA TYR A 365 28.43 -22.68 -18.18
C TYR A 365 29.39 -23.70 -18.79
N LEU A 366 29.32 -24.97 -18.40
CA LEU A 366 30.11 -26.03 -19.00
C LEU A 366 29.20 -27.05 -19.66
N PRO A 367 29.59 -27.58 -20.82
CA PRO A 367 28.68 -28.49 -21.55
C PRO A 367 28.29 -29.74 -20.78
N GLU A 368 29.18 -30.27 -19.95
CA GLU A 368 28.88 -31.44 -19.14
C GLU A 368 28.44 -31.04 -17.73
N ASP A 369 27.35 -30.28 -17.66
CA ASP A 369 26.80 -29.80 -16.41
C ASP A 369 25.32 -30.10 -16.35
N ARG A 370 24.80 -30.19 -15.12
CA ARG A 370 23.39 -30.49 -14.92
C ARG A 370 22.50 -29.36 -15.42
N ASN A 371 22.90 -28.11 -15.21
CA ASN A 371 22.09 -26.94 -15.52
C ASN A 371 22.50 -26.28 -16.84
N TYR A 372 23.33 -26.93 -17.63
CA TYR A 372 23.76 -26.35 -18.90
C TYR A 372 22.60 -26.26 -19.89
N ASP A 373 21.62 -27.16 -19.78
CA ASP A 373 20.49 -27.16 -20.70
C ASP A 373 19.63 -25.92 -20.53
N LEU A 374 19.37 -25.52 -19.28
CA LEU A 374 18.60 -24.30 -19.04
C LEU A 374 19.38 -23.05 -19.44
N TYR A 375 20.71 -23.10 -19.31
CA TYR A 375 21.54 -21.94 -19.65
C TYR A 375 21.42 -21.58 -21.12
N LYS A 376 21.28 -22.59 -21.99
CA LYS A 376 21.02 -22.31 -23.40
C LYS A 376 19.68 -21.60 -23.58
N LEU A 377 18.66 -22.03 -22.84
CA LEU A 377 17.37 -21.34 -22.89
C LEU A 377 17.46 -19.93 -22.34
N ALA A 378 18.22 -19.75 -21.25
CA ALA A 378 18.32 -18.44 -20.61
C ALA A 378 18.90 -17.40 -21.56
N CYS A 379 19.92 -17.78 -22.33
CA CYS A 379 20.47 -16.87 -23.32
C CYS A 379 19.46 -16.55 -24.40
N LYS A 380 18.61 -17.52 -24.74
CA LYS A 380 17.55 -17.27 -25.72
C LYS A 380 16.53 -16.27 -25.19
N VAL A 381 16.16 -16.39 -23.91
CA VAL A 381 15.23 -15.43 -23.31
C VAL A 381 15.88 -14.05 -23.25
N THR A 382 17.17 -13.99 -22.91
CA THR A 382 17.88 -12.71 -22.89
C THR A 382 17.93 -12.09 -24.27
N ALA A 383 18.11 -12.91 -25.31
CA ALA A 383 18.13 -12.38 -26.68
C ALA A 383 16.80 -11.73 -27.04
N ARG A 384 15.71 -12.14 -26.39
CA ARG A 384 14.39 -11.60 -26.73
C ARG A 384 14.02 -10.42 -25.86
N ARG A 385 13.93 -10.62 -24.54
CA ARG A 385 13.47 -9.58 -23.63
C ARG A 385 14.58 -8.69 -23.12
N PHE A 386 15.85 -9.10 -23.26
CA PHE A 386 17.02 -8.37 -22.78
C PHE A 386 17.01 -8.16 -21.27
N PHE A 387 16.14 -8.85 -20.54
CA PHE A 387 16.03 -8.68 -19.11
C PHE A 387 17.13 -9.40 -18.32
N PRO A 388 17.33 -10.73 -18.52
CA PRO A 388 18.23 -11.46 -17.60
C PRO A 388 19.68 -11.02 -17.68
N ASN A 389 20.19 -10.45 -16.59
CA ASN A 389 21.60 -10.11 -16.49
C ASN A 389 22.38 -11.29 -15.92
N PHE A 390 23.71 -11.18 -15.98
CA PHE A 390 24.60 -12.25 -15.57
C PHE A 390 25.60 -11.74 -14.55
N LEU A 391 25.95 -12.60 -13.60
CA LEU A 391 26.85 -12.26 -12.52
C LEU A 391 28.01 -13.26 -12.51
N ASN A 392 29.23 -12.75 -12.62
CA ASN A 392 30.42 -13.60 -12.70
C ASN A 392 30.82 -14.02 -11.30
N LEU A 393 30.71 -15.31 -11.01
CA LEU A 393 31.03 -15.84 -9.70
C LEU A 393 32.48 -16.29 -9.60
N ASP A 394 33.29 -16.02 -10.62
CA ASP A 394 34.72 -16.34 -10.64
C ASP A 394 35.45 -15.03 -10.97
N ALA A 395 35.79 -14.26 -9.93
CA ALA A 395 36.41 -12.97 -10.12
C ALA A 395 37.58 -12.70 -9.18
N THR A 396 37.91 -13.64 -8.30
CA THR A 396 38.98 -13.53 -7.30
C THR A 396 38.63 -12.50 -6.21
N PHE A 397 37.49 -11.81 -6.37
CA PHE A 397 36.94 -11.01 -5.29
C PHE A 397 35.48 -11.41 -5.08
N ASN A 398 34.84 -11.91 -6.14
CA ASN A 398 33.55 -12.57 -6.03
C ASN A 398 33.74 -14.07 -5.85
N GLN A 399 34.58 -14.44 -4.87
CA GLN A 399 34.97 -15.83 -4.67
C GLN A 399 35.04 -16.11 -3.18
N ASN A 400 34.56 -17.28 -2.78
CA ASN A 400 34.48 -17.66 -1.38
C ASN A 400 34.99 -19.09 -1.22
N GLU A 401 35.48 -19.39 -0.02
CA GLU A 401 36.09 -20.67 0.29
C GLU A 401 35.13 -21.63 0.98
N LYS A 402 33.85 -21.27 1.10
CA LYS A 402 32.85 -22.09 1.78
C LYS A 402 31.73 -22.48 0.84
N TRP A 403 32.09 -22.91 -0.37
CA TRP A 403 31.13 -23.40 -1.35
C TRP A 403 31.27 -24.91 -1.45
N ARG A 404 30.36 -25.63 -0.78
CA ARG A 404 30.33 -27.08 -0.82
C ARG A 404 29.34 -27.53 -1.88
N ALA A 405 29.78 -28.40 -2.78
CA ALA A 405 28.95 -28.81 -3.91
C ALA A 405 27.72 -29.60 -3.48
N ASP A 406 27.76 -30.24 -2.31
CA ASP A 406 26.69 -31.13 -1.88
C ASP A 406 25.67 -30.47 -0.97
N ASP A 407 26.04 -29.41 -0.27
CA ASP A 407 25.12 -28.77 0.67
C ASP A 407 23.99 -28.08 -0.09
N PRO A 408 22.74 -28.44 0.16
CA PRO A 408 21.63 -27.80 -0.56
C PRO A 408 21.53 -26.33 -0.21
N GLU A 409 20.83 -25.59 -1.08
CA GLU A 409 20.66 -24.15 -0.94
C GLU A 409 22.02 -23.45 -0.92
N ARG A 410 22.67 -23.50 -2.09
CA ARG A 410 24.05 -23.06 -2.28
C ARG A 410 24.26 -21.58 -1.98
N TYR A 411 23.21 -20.88 -1.59
CA TYR A 411 23.33 -19.48 -1.22
C TYR A 411 23.95 -19.38 0.17
N LYS A 412 23.92 -18.18 0.75
CA LYS A 412 24.49 -17.78 2.04
C LYS A 412 26.01 -17.62 1.95
N TRP A 413 26.66 -18.01 0.85
CA TRP A 413 28.07 -17.75 0.65
C TRP A 413 28.35 -17.37 -0.80
N GLU A 414 27.40 -16.74 -1.46
CA GLU A 414 27.51 -16.36 -2.86
C GLU A 414 27.39 -14.84 -2.98
N ILE A 415 27.49 -14.36 -4.21
CA ILE A 415 27.32 -12.95 -4.51
C ILE A 415 25.94 -12.75 -5.15
N ALA A 416 25.21 -11.75 -4.66
CA ALA A 416 23.88 -11.42 -5.17
C ALA A 416 23.75 -9.90 -5.17
N THR A 417 23.68 -9.31 -6.36
CA THR A 417 23.63 -7.87 -6.50
C THR A 417 22.19 -7.40 -6.65
N MET A 418 22.02 -6.11 -6.94
CA MET A 418 20.72 -5.49 -7.16
C MET A 418 20.74 -4.77 -8.50
N GLY A 419 19.67 -4.04 -8.79
CA GLY A 419 19.63 -3.21 -9.98
C GLY A 419 20.29 -1.87 -9.83
N CYS A 420 20.65 -1.49 -8.60
CA CYS A 420 21.25 -0.20 -8.31
C CYS A 420 22.77 -0.26 -8.23
N ARG A 421 23.38 -1.33 -8.73
CA ARG A 421 24.84 -1.49 -8.75
C ARG A 421 25.43 -1.41 -7.34
N THR A 422 24.70 -1.96 -6.37
CA THR A 422 25.14 -1.97 -4.98
C THR A 422 25.75 -3.32 -4.66
N ARG A 423 26.95 -3.31 -4.09
CA ARG A 423 27.69 -4.53 -3.78
C ARG A 423 28.09 -4.50 -2.31
N VAL A 424 27.54 -5.42 -1.52
CA VAL A 424 27.90 -5.58 -0.12
C VAL A 424 28.35 -7.03 0.05
N PHE A 425 29.65 -7.27 0.02
CA PHE A 425 30.19 -8.62 0.07
C PHE A 425 31.08 -8.86 1.27
N GLU A 426 32.04 -7.98 1.55
CA GLU A 426 33.02 -8.19 2.60
C GLU A 426 32.78 -7.20 3.74
N ASP A 427 32.76 -7.72 4.97
CA ASP A 427 32.58 -6.92 6.17
C ASP A 427 33.84 -7.01 7.00
N ARG A 428 34.37 -5.85 7.40
CA ARG A 428 35.58 -5.81 8.21
C ARG A 428 35.35 -6.34 9.62
N TRP A 429 34.09 -6.45 10.06
CA TRP A 429 33.76 -7.00 11.38
C TRP A 429 32.49 -7.83 11.21
N GLY A 430 32.66 -9.13 10.98
CA GLY A 430 31.52 -10.03 10.80
C GLY A 430 31.81 -11.21 9.90
N GLU A 431 30.96 -11.43 8.90
CA GLU A 431 31.11 -12.53 7.96
C GLU A 431 30.94 -12.01 6.53
N LYS A 432 31.65 -12.64 5.61
CA LYS A 432 31.66 -12.20 4.21
C LYS A 432 30.46 -12.82 3.50
N THR A 433 29.37 -12.06 3.42
CA THR A 433 28.16 -12.52 2.75
C THR A 433 27.33 -11.31 2.36
N SER A 434 26.37 -11.54 1.47
CA SER A 434 25.51 -10.49 0.95
C SER A 434 24.05 -10.67 1.35
N ILE A 435 23.78 -11.43 2.42
CA ILE A 435 22.42 -11.69 2.86
C ILE A 435 22.05 -10.70 3.96
N ALA A 436 20.91 -10.05 3.82
CA ALA A 436 20.29 -9.19 4.82
C ALA A 436 21.06 -7.90 5.09
N ARG A 437 22.08 -7.60 4.30
CA ARG A 437 22.88 -6.39 4.49
C ARG A 437 22.57 -5.38 3.39
N GLY A 438 23.14 -4.19 3.55
CA GLY A 438 22.91 -3.12 2.60
C GLY A 438 23.65 -1.87 3.04
N ASN A 439 23.43 -0.79 2.29
CA ASN A 439 24.07 0.47 2.58
C ASN A 439 23.30 1.25 3.63
N LEU A 440 24.04 2.04 4.43
CA LEU A 440 23.42 3.00 5.34
C LEU A 440 23.08 4.29 4.60
N SER A 441 24.11 4.96 4.08
CA SER A 441 23.98 6.14 3.24
C SER A 441 25.33 6.36 2.56
N PHE A 442 25.29 6.98 1.40
CA PHE A 442 26.49 7.22 0.62
C PHE A 442 26.49 8.64 0.10
N SER A 443 27.69 9.20 -0.07
CA SER A 443 27.87 10.55 -0.57
C SER A 443 28.87 10.54 -1.71
N THR A 444 28.64 11.42 -2.68
CA THR A 444 29.45 11.50 -3.88
C THR A 444 30.38 12.69 -3.81
N ILE A 445 31.66 12.46 -4.13
CA ILE A 445 32.69 13.49 -4.08
C ILE A 445 32.96 13.98 -5.50
N ASN A 446 32.86 15.28 -5.70
CA ASN A 446 33.05 15.90 -7.01
C ASN A 446 34.54 16.11 -7.23
N ILE A 447 35.19 15.10 -7.82
CA ILE A 447 36.63 15.21 -8.11
C ILE A 447 36.91 16.00 -9.37
N VAL A 448 35.92 16.19 -10.24
CA VAL A 448 36.13 16.96 -11.46
C VAL A 448 36.39 18.42 -11.14
N LYS A 449 35.69 18.96 -10.13
CA LYS A 449 35.87 20.36 -9.76
C LYS A 449 37.28 20.63 -9.25
N LEU A 450 37.84 19.71 -8.46
CA LEU A 450 39.14 19.94 -7.85
C LEU A 450 40.24 20.13 -8.91
N ALA A 451 40.11 19.45 -10.04
CA ALA A 451 41.12 19.57 -11.09
C ALA A 451 41.12 20.95 -11.72
N ILE A 452 39.95 21.61 -11.74
CA ILE A 452 39.86 22.94 -12.36
C ILE A 452 40.67 23.95 -11.56
N GLU A 453 40.65 23.84 -10.23
CA GLU A 453 41.40 24.76 -9.39
C GLU A 453 42.90 24.56 -9.50
N CYS A 454 43.34 23.38 -9.94
CA CYS A 454 44.76 23.08 -10.10
C CYS A 454 45.22 23.23 -11.55
N MET A 455 44.36 23.75 -12.43
CA MET A 455 44.72 23.88 -13.84
C MET A 455 45.70 25.02 -14.08
N GLY A 456 45.83 25.95 -13.13
CA GLY A 456 46.71 27.09 -13.29
C GLY A 456 48.16 26.84 -12.99
N ILE A 457 48.51 25.66 -12.48
CA ILE A 457 49.89 25.34 -12.14
C ILE A 457 50.62 24.88 -13.40
N GLU A 458 51.75 25.53 -13.70
CA GLU A 458 52.50 25.19 -14.91
C GLU A 458 53.26 23.88 -14.77
N ASN A 459 53.87 23.63 -13.61
CA ASN A 459 54.67 22.43 -13.41
C ASN A 459 53.77 21.23 -13.15
N GLU A 460 53.97 20.16 -13.91
CA GLU A 460 53.12 18.99 -13.79
C GLU A 460 53.26 18.32 -12.43
N LYS A 461 54.49 18.21 -11.92
CA LYS A 461 54.69 17.62 -10.61
C LYS A 461 54.07 18.49 -9.52
N GLN A 462 54.14 19.81 -9.66
CA GLN A 462 53.48 20.69 -8.72
C GLN A 462 51.96 20.66 -8.91
N ARG A 463 51.50 20.52 -10.16
CA ARG A 463 50.06 20.46 -10.41
C ARG A 463 49.44 19.23 -9.78
N ILE A 464 50.08 18.07 -9.92
CA ILE A 464 49.55 16.86 -9.32
C ILE A 464 49.66 16.92 -7.81
N ASP A 465 50.67 17.63 -7.28
CA ASP A 465 50.80 17.79 -5.85
C ASP A 465 49.62 18.57 -5.27
N MET A 466 49.21 19.64 -5.97
CA MET A 466 48.09 20.44 -5.49
C MET A 466 46.78 19.65 -5.54
N PHE A 467 46.57 18.88 -6.61
CA PHE A 467 45.33 18.12 -6.73
C PHE A 467 45.18 17.11 -5.60
N PHE A 468 46.26 16.42 -5.27
CA PHE A 468 46.22 15.50 -4.13
C PHE A 468 45.97 16.25 -2.83
N ALA A 469 46.58 17.42 -2.67
CA ALA A 469 46.34 18.23 -1.49
C ALA A 469 44.89 18.69 -1.43
N LYS A 470 44.35 19.17 -2.55
CA LYS A 470 42.94 19.56 -2.59
C LYS A 470 42.04 18.36 -2.37
N LEU A 471 42.36 17.23 -3.01
CA LEU A 471 41.59 16.02 -2.80
C LEU A 471 41.70 15.53 -1.35
N ASP A 472 42.82 15.83 -0.71
CA ASP A 472 43.00 15.41 0.68
C ASP A 472 42.02 16.12 1.60
N ASN A 473 41.79 17.41 1.38
CA ASN A 473 40.92 18.18 2.27
C ASN A 473 39.46 17.77 2.11
N ILE A 474 39.01 17.60 0.86
CA ILE A 474 37.62 17.23 0.61
C ILE A 474 37.32 15.84 1.18
N LEU A 475 38.26 14.90 1.00
CA LEU A 475 38.07 13.56 1.53
C LEU A 475 37.94 13.58 3.05
N ASP A 476 38.70 14.45 3.71
CA ASP A 476 38.61 14.52 5.18
C ASP A 476 37.24 14.98 5.63
N ILE A 477 36.67 15.98 4.95
CA ILE A 477 35.34 16.48 5.32
C ILE A 477 34.28 15.41 5.07
N THR A 478 34.36 14.73 3.92
CA THR A 478 33.35 13.74 3.57
C THR A 478 33.34 12.58 4.56
N ALA A 479 34.51 12.15 5.03
CA ALA A 479 34.56 11.13 6.06
C ALA A 479 33.86 11.58 7.33
N LYS A 480 34.09 12.83 7.73
CA LYS A 480 33.38 13.36 8.89
C LYS A 480 31.93 13.67 8.57
N GLN A 481 31.65 14.09 7.32
CA GLN A 481 30.27 14.37 6.93
C GLN A 481 29.41 13.12 7.03
N LEU A 482 29.92 11.98 6.53
CA LEU A 482 29.21 10.72 6.70
C LEU A 482 29.14 10.33 8.17
N ASP A 483 30.16 10.69 8.95
CA ASP A 483 30.19 10.35 10.36
C ASP A 483 29.11 11.10 11.14
N GLU A 484 28.85 12.35 10.76
CA GLU A 484 27.82 13.12 11.44
C GLU A 484 26.43 12.58 11.16
N ARG A 485 26.16 12.22 9.89
CA ARG A 485 24.88 11.62 9.55
C ARG A 485 24.72 10.25 10.21
N PHE A 486 25.82 9.51 10.35
CA PHE A 486 25.78 8.23 11.05
C PHE A 486 25.37 8.43 12.51
N GLN A 487 25.92 9.45 13.17
CA GLN A 487 25.56 9.71 14.56
C GLN A 487 24.10 10.16 14.68
N PHE A 488 23.60 10.89 13.68
CA PHE A 488 22.21 11.30 13.68
C PHE A 488 21.28 10.09 13.57
N GLN A 489 21.64 9.12 12.73
CA GLN A 489 20.75 7.98 12.47
C GLN A 489 20.71 7.00 13.63
N LYS A 490 21.81 6.88 14.38
CA LYS A 490 21.89 5.84 15.40
C LYS A 490 20.91 6.06 16.54
N THR A 491 20.34 7.25 16.67
CA THR A 491 19.39 7.57 17.72
C THR A 491 17.95 7.19 17.34
N ALA A 492 17.74 6.68 16.12
CA ALA A 492 16.39 6.32 15.69
C ALA A 492 15.90 5.09 16.44
N MET A 493 14.58 5.02 16.62
CA MET A 493 13.94 3.92 17.32
C MET A 493 13.51 2.82 16.36
N ALA A 494 13.50 1.59 16.86
CA ALA A 494 13.12 0.45 16.05
C ALA A 494 11.65 0.44 15.71
N LYS A 495 10.82 1.17 16.47
CA LYS A 495 9.40 1.26 16.17
C LYS A 495 9.12 2.00 14.87
N GLN A 496 10.09 2.72 14.32
CA GLN A 496 9.90 3.45 13.08
C GLN A 496 9.95 2.56 11.85
N PHE A 497 10.48 1.35 11.96
CA PHE A 497 10.59 0.41 10.84
C PHE A 497 9.99 -0.93 11.28
N PRO A 498 8.67 -1.08 11.15
CA PRO A 498 8.01 -2.28 11.69
C PRO A 498 8.48 -3.58 11.05
N LEU A 499 8.83 -3.59 9.77
CA LEU A 499 9.22 -4.83 9.11
C LEU A 499 10.72 -4.93 8.83
N LEU A 500 11.36 -3.81 8.43
CA LEU A 500 12.79 -3.86 8.15
C LEU A 500 13.59 -4.22 9.40
N MET A 501 13.22 -3.67 10.55
CA MET A 501 13.93 -3.92 11.80
C MET A 501 13.27 -5.01 12.64
N LYS A 502 12.54 -5.93 12.00
CA LYS A 502 11.92 -7.05 12.69
C LYS A 502 12.33 -8.41 12.14
N TYR A 503 12.42 -8.56 10.82
CA TYR A 503 12.74 -9.85 10.22
C TYR A 503 13.90 -9.74 9.22
N LEU A 504 14.04 -8.58 8.58
CA LEU A 504 14.88 -8.48 7.39
C LEU A 504 16.33 -8.14 7.69
N TRP A 505 16.60 -7.23 8.64
CA TRP A 505 17.97 -6.80 8.87
C TRP A 505 18.75 -7.91 9.57
N VAL A 506 20.08 -7.71 9.64
CA VAL A 506 20.98 -8.79 10.05
C VAL A 506 20.73 -9.19 11.50
N GLY A 507 20.64 -8.21 12.39
CA GLY A 507 20.47 -8.51 13.79
C GLY A 507 19.20 -7.93 14.38
N ALA A 508 18.18 -7.79 13.54
CA ALA A 508 16.94 -7.13 13.91
C ALA A 508 15.93 -8.07 14.59
N GLU A 509 16.23 -9.37 14.68
CA GLU A 509 15.31 -10.29 15.33
C GLU A 509 15.20 -10.04 16.83
N ASN A 510 16.16 -9.32 17.41
CA ASN A 510 16.15 -8.97 18.84
C ASN A 510 16.30 -7.46 18.94
N LEU A 511 15.19 -6.74 18.86
CA LEU A 511 15.22 -5.28 18.87
C LEU A 511 13.87 -4.78 19.34
N LYS A 512 13.81 -4.24 20.56
CA LYS A 512 12.57 -3.68 21.06
C LYS A 512 12.20 -2.43 20.26
N PRO A 513 10.90 -2.12 20.16
CA PRO A 513 10.50 -0.96 19.36
C PRO A 513 11.09 0.36 19.85
N GLU A 514 11.36 0.50 21.15
CA GLU A 514 11.88 1.72 21.72
C GLU A 514 13.39 1.74 21.82
N GLU A 515 14.07 0.68 21.37
CA GLU A 515 15.52 0.64 21.40
C GLU A 515 16.10 1.50 20.27
N THR A 516 17.42 1.50 20.18
CA THR A 516 18.15 2.26 19.16
C THR A 516 18.82 1.32 18.17
N ILE A 517 19.01 1.82 16.95
CA ILE A 517 19.61 1.03 15.88
C ILE A 517 21.12 1.02 15.94
N GLU A 518 21.72 1.68 16.94
CA GLU A 518 23.18 1.79 16.99
C GLU A 518 23.88 0.43 17.12
N SER A 519 23.18 -0.60 17.61
CA SER A 519 23.82 -1.89 17.82
C SER A 519 24.07 -2.61 16.49
N VAL A 520 23.12 -2.56 15.57
CA VAL A 520 23.19 -3.33 14.33
C VAL A 520 23.43 -2.47 13.11
N ILE A 521 23.47 -1.14 13.26
CA ILE A 521 23.68 -0.27 12.11
C ILE A 521 25.09 -0.38 11.56
N ASN A 522 26.03 -0.94 12.33
CA ASN A 522 27.42 -0.97 11.90
C ASN A 522 27.66 -1.94 10.75
N HIS A 523 26.78 -2.92 10.55
CA HIS A 523 26.93 -3.87 9.44
C HIS A 523 26.39 -3.29 8.13
N GLY A 524 26.83 -2.08 7.80
CA GLY A 524 26.42 -1.42 6.59
C GLY A 524 27.61 -0.77 5.91
N THR A 525 27.35 -0.18 4.75
CA THR A 525 28.38 0.42 3.93
C THR A 525 28.14 1.91 3.76
N LEU A 526 29.16 2.71 4.07
CA LEU A 526 29.15 4.13 3.76
C LEU A 526 29.95 4.33 2.48
N GLY A 527 29.30 4.84 1.45
CA GLY A 527 29.90 4.88 0.14
C GLY A 527 30.49 6.22 -0.25
N ILE A 528 31.79 6.24 -0.50
CA ILE A 528 32.47 7.42 -1.04
C ILE A 528 32.55 7.22 -2.54
N GLY A 529 31.55 7.73 -3.26
CA GLY A 529 31.47 7.56 -4.69
C GLY A 529 32.15 8.69 -5.45
N PHE A 530 32.30 8.50 -6.75
CA PHE A 530 32.91 9.51 -7.61
C PHE A 530 32.21 9.48 -8.96
N ILE A 531 32.50 10.52 -9.75
CA ILE A 531 31.86 10.69 -11.05
C ILE A 531 32.84 11.40 -11.97
N GLY A 532 32.77 11.08 -13.26
CA GLY A 532 33.57 11.75 -14.26
C GLY A 532 35.07 11.57 -14.14
N LEU A 533 35.52 10.33 -13.93
CA LEU A 533 36.96 10.07 -13.94
C LEU A 533 37.56 10.37 -15.31
N ALA A 534 36.86 10.00 -16.39
CA ALA A 534 37.29 10.40 -17.73
C ALA A 534 37.24 11.91 -17.88
N GLU A 535 36.19 12.54 -17.36
CA GLU A 535 36.10 14.00 -17.40
C GLU A 535 37.16 14.66 -16.53
N CYS A 536 37.65 13.96 -15.51
CA CYS A 536 38.68 14.52 -14.65
C CYS A 536 39.98 14.74 -15.42
N LEU A 537 40.31 13.84 -16.35
CA LEU A 537 41.58 13.87 -17.04
C LEU A 537 41.46 14.17 -18.53
N VAL A 538 40.25 14.42 -19.04
CA VAL A 538 40.07 14.59 -20.48
C VAL A 538 40.79 15.84 -20.98
N ALA A 539 40.70 16.95 -20.24
CA ALA A 539 41.39 18.18 -20.60
C ALA A 539 42.12 18.84 -19.45
N LEU A 540 41.74 18.58 -18.20
CA LEU A 540 42.46 19.17 -17.07
C LEU A 540 43.88 18.62 -16.98
N ILE A 541 44.02 17.30 -17.06
CA ILE A 541 45.33 16.63 -16.96
C ILE A 541 45.46 15.72 -18.17
N GLY A 542 46.04 16.24 -19.25
CA GLY A 542 46.35 15.45 -20.42
C GLY A 542 45.17 14.81 -21.12
N LYS A 543 45.09 13.48 -21.03
CA LYS A 543 44.09 12.69 -21.74
C LYS A 543 43.39 11.77 -20.75
N HIS A 544 42.31 11.14 -21.20
CA HIS A 544 41.54 10.25 -20.35
C HIS A 544 42.04 8.81 -20.50
N HIS A 545 41.37 7.88 -19.80
CA HIS A 545 41.88 6.52 -19.65
C HIS A 545 41.45 5.62 -20.79
N GLY A 546 41.23 6.21 -21.97
CA GLY A 546 40.90 5.45 -23.15
C GLY A 546 42.12 5.19 -24.00
N GLU A 547 42.29 5.94 -25.08
CA GLU A 547 43.41 5.77 -25.99
C GLU A 547 44.67 6.43 -25.43
N SER A 548 45.04 6.02 -24.21
CA SER A 548 46.23 6.55 -23.55
C SER A 548 46.67 5.57 -22.48
N GLU A 549 47.88 5.04 -22.61
CA GLU A 549 48.43 4.18 -21.58
C GLU A 549 48.92 4.98 -20.38
N LYS A 550 49.46 6.17 -20.63
CA LYS A 550 49.91 7.03 -19.53
C LYS A 550 48.75 7.46 -18.65
N ALA A 551 47.64 7.86 -19.26
CA ALA A 551 46.46 8.23 -18.49
C ALA A 551 45.85 7.04 -17.79
N GLN A 552 45.96 5.85 -18.38
CA GLN A 552 45.51 4.63 -17.70
C GLN A 552 46.28 4.41 -16.41
N GLU A 553 47.59 4.62 -16.43
CA GLU A 553 48.37 4.52 -15.21
C GLU A 553 48.01 5.62 -14.23
N LEU A 554 47.77 6.84 -14.73
CA LEU A 554 47.35 7.94 -13.87
C LEU A 554 45.97 7.67 -13.26
N GLY A 555 45.04 7.15 -14.07
CA GLY A 555 43.71 6.86 -13.54
C GLY A 555 43.72 5.80 -12.46
N LEU A 556 44.52 4.76 -12.64
CA LEU A 556 44.64 3.73 -11.61
C LEU A 556 45.27 4.29 -10.35
N LYS A 557 46.13 5.31 -10.50
CA LYS A 557 46.76 5.91 -9.33
C LYS A 557 45.75 6.66 -8.47
N ILE A 558 44.85 7.42 -9.11
CA ILE A 558 43.89 8.22 -8.35
C ILE A 558 42.91 7.34 -7.61
N ILE A 559 42.36 6.33 -8.29
CA ILE A 559 41.39 5.45 -7.65
C ILE A 559 42.05 4.66 -6.52
N THR A 560 43.31 4.26 -6.72
CA THR A 560 44.05 3.63 -5.63
C THR A 560 44.29 4.61 -4.49
N TYR A 561 44.53 5.88 -4.83
CA TYR A 561 44.69 6.91 -3.80
C TYR A 561 43.41 7.07 -3.00
N MET A 562 42.25 7.10 -3.67
CA MET A 562 40.98 7.13 -2.96
C MET A 562 40.75 5.85 -2.18
N ARG A 563 41.12 4.70 -2.76
CA ARG A 563 40.97 3.43 -2.07
C ARG A 563 41.87 3.36 -0.84
N ASP A 564 43.10 3.86 -0.96
CA ASP A 564 44.01 3.85 0.19
C ASP A 564 43.53 4.79 1.28
N ARG A 565 43.03 5.97 0.91
CA ARG A 565 42.49 6.89 1.92
C ARG A 565 41.26 6.31 2.60
N ALA A 566 40.39 5.63 1.85
CA ALA A 566 39.21 5.01 2.46
C ALA A 566 39.62 3.97 3.49
N ASN A 567 40.74 3.28 3.26
CA ASN A 567 41.27 2.37 4.27
C ASN A 567 41.67 3.13 5.53
N GLU A 568 42.30 4.30 5.35
CA GLU A 568 42.68 5.12 6.49
C GLU A 568 41.47 5.62 7.25
N PHE A 569 40.44 6.07 6.52
CA PHE A 569 39.21 6.53 7.18
C PHE A 569 38.54 5.40 7.94
N SER A 570 38.66 4.17 7.45
CA SER A 570 38.06 3.03 8.13
C SER A 570 38.70 2.79 9.48
N GLU A 571 40.00 3.06 9.61
CA GLU A 571 40.69 2.83 10.87
C GLU A 571 40.39 3.93 11.89
N GLN A 572 40.31 5.18 11.45
CA GLN A 572 40.14 6.29 12.38
C GLN A 572 38.69 6.53 12.76
N TYR A 573 37.75 6.42 11.83
CA TYR A 573 36.34 6.61 12.13
C TYR A 573 35.60 5.32 12.45
N HIS A 574 36.23 4.16 12.20
CA HIS A 574 35.67 2.86 12.54
C HIS A 574 34.32 2.64 11.86
N HIS A 575 34.34 2.62 10.53
CA HIS A 575 33.17 2.32 9.72
C HIS A 575 33.60 1.41 8.58
N ASN A 576 32.70 1.21 7.62
CA ASN A 576 32.97 0.41 6.42
C ASN A 576 32.91 1.34 5.22
N TYR A 577 34.05 1.95 4.91
CA TYR A 577 34.15 2.84 3.76
C TYR A 577 34.56 2.05 2.53
N SER A 578 33.86 2.29 1.42
CA SER A 578 34.15 1.62 0.16
C SER A 578 33.94 2.61 -0.97
N ILE A 579 34.67 2.41 -2.07
CA ILE A 579 34.51 3.26 -3.25
C ILE A 579 33.43 2.66 -4.13
N LEU A 580 32.46 3.48 -4.52
CA LEU A 580 31.28 3.04 -5.24
C LEU A 580 31.21 3.70 -6.61
N ALA A 581 30.85 2.92 -7.62
CA ALA A 581 30.51 3.45 -8.94
C ALA A 581 29.05 3.86 -8.89
N THR A 582 28.83 5.15 -8.67
CA THR A 582 27.48 5.64 -8.41
C THR A 582 26.62 5.54 -9.67
N PRO A 583 25.46 4.90 -9.61
CA PRO A 583 24.55 4.89 -10.76
C PRO A 583 24.07 6.29 -11.10
N ALA A 584 23.90 6.54 -12.41
CA ALA A 584 23.48 7.85 -12.90
C ALA A 584 21.97 7.97 -12.71
N GLU A 585 21.59 8.39 -11.50
CA GLU A 585 20.18 8.59 -11.17
C GLU A 585 20.10 9.65 -10.08
N GLY A 586 19.63 10.85 -10.44
CA GLY A 586 19.53 11.95 -9.51
C GLY A 586 20.75 12.85 -9.45
N LEU A 587 21.86 12.47 -10.09
CA LEU A 587 23.06 13.31 -10.13
C LEU A 587 23.70 13.32 -11.51
N SER A 588 22.89 13.13 -12.55
CA SER A 588 23.43 13.11 -13.91
C SER A 588 23.82 14.50 -14.40
N GLY A 589 23.04 15.53 -14.05
CA GLY A 589 23.30 16.86 -14.55
C GLY A 589 23.39 17.94 -13.49
N LYS A 590 23.14 17.57 -12.23
CA LYS A 590 23.16 18.57 -11.16
C LYS A 590 24.54 19.18 -10.98
N PHE A 591 25.57 18.33 -10.94
CA PHE A 591 26.93 18.82 -10.71
C PHE A 591 27.41 19.70 -11.87
N THR A 592 27.13 19.28 -13.10
CA THR A 592 27.70 19.95 -14.27
C THR A 592 27.20 21.38 -14.39
N LYS A 593 25.89 21.59 -14.23
CA LYS A 593 25.31 22.91 -14.46
C LYS A 593 25.85 23.93 -13.46
N LYS A 594 25.96 23.53 -12.18
CA LYS A 594 26.46 24.46 -11.17
C LYS A 594 27.91 24.82 -11.41
N ASP A 595 28.74 23.84 -11.78
CA ASP A 595 30.15 24.11 -12.01
C ASP A 595 30.39 24.82 -13.33
N ARG A 596 29.55 24.57 -14.34
CA ARG A 596 29.72 25.22 -15.63
C ARG A 596 29.56 26.73 -15.51
N LYS A 597 28.56 27.19 -14.74
CA LYS A 597 28.37 28.62 -14.56
C LYS A 597 29.58 29.26 -13.88
N GLN A 598 30.16 28.56 -12.90
CA GLN A 598 31.28 29.11 -12.15
C GLN A 598 32.54 29.22 -13.01
N PHE A 599 32.73 28.29 -13.93
CA PHE A 599 33.95 28.23 -14.72
C PHE A 599 33.69 28.40 -16.22
N GLY A 600 32.57 29.04 -16.56
CA GLY A 600 32.30 29.33 -17.97
C GLY A 600 32.23 28.08 -18.81
N VAL A 601 32.97 28.06 -19.91
CA VAL A 601 33.02 26.92 -20.81
C VAL A 601 34.45 26.43 -20.88
N ILE A 602 34.74 25.34 -20.19
CA ILE A 602 36.04 24.68 -20.25
C ILE A 602 35.99 23.67 -21.40
N PRO A 603 36.80 23.82 -22.45
CA PRO A 603 36.70 22.93 -23.60
C PRO A 603 37.05 21.50 -23.23
N GLY A 604 36.15 20.58 -23.55
CA GLY A 604 36.38 19.16 -23.37
C GLY A 604 35.91 18.59 -22.05
N VAL A 605 35.53 19.43 -21.09
CA VAL A 605 35.11 18.97 -19.76
C VAL A 605 33.68 19.42 -19.46
N THR A 606 33.43 20.73 -19.47
CA THR A 606 32.15 21.30 -19.07
C THR A 606 31.31 21.71 -20.29
N ASP A 607 31.40 20.92 -21.36
CA ASP A 607 30.60 21.15 -22.56
C ASP A 607 29.80 19.92 -22.94
N ARG A 608 29.52 19.03 -21.99
CA ARG A 608 28.82 17.78 -22.26
C ARG A 608 27.47 17.66 -21.57
N ASP A 609 27.20 18.48 -20.56
CA ASP A 609 25.94 18.50 -19.80
C ASP A 609 25.71 17.24 -18.97
N TYR A 610 26.70 16.36 -18.88
CA TYR A 610 26.63 15.20 -17.99
C TYR A 610 28.02 14.63 -17.81
N TYR A 611 28.34 14.25 -16.58
CA TYR A 611 29.63 13.62 -16.28
C TYR A 611 29.53 12.12 -16.48
N THR A 612 30.59 11.55 -17.07
CA THR A 612 30.62 10.11 -17.31
C THR A 612 30.61 9.35 -15.99
N ASN A 613 30.04 8.15 -16.04
CA ASN A 613 29.93 7.31 -14.84
C ASN A 613 31.30 6.85 -14.38
N SER A 614 31.35 6.30 -13.17
CA SER A 614 32.61 5.96 -12.54
C SER A 614 33.33 4.84 -13.29
N ASN A 615 34.63 5.03 -13.48
CA ASN A 615 35.54 4.09 -14.16
C ASN A 615 34.92 3.43 -15.38
N HIS A 616 34.18 4.21 -16.16
CA HIS A 616 33.54 3.73 -17.38
C HIS A 616 34.14 4.45 -18.58
N VAL A 617 34.33 3.69 -19.66
CA VAL A 617 34.75 4.32 -20.92
C VAL A 617 33.62 5.23 -21.40
N PRO A 618 33.91 6.49 -21.76
CA PRO A 618 32.84 7.38 -22.23
C PRO A 618 32.18 6.83 -23.49
N VAL A 619 30.87 7.08 -23.60
CA VAL A 619 30.08 6.51 -24.68
C VAL A 619 30.53 7.05 -26.04
N TYR A 620 30.95 8.31 -26.10
CA TYR A 620 31.35 8.90 -27.37
C TYR A 620 32.69 8.35 -27.87
N TYR A 621 33.40 7.57 -27.06
CA TYR A 621 34.65 6.94 -27.48
C TYR A 621 34.32 5.56 -28.03
N LYS A 622 34.49 5.39 -29.35
CA LYS A 622 34.13 4.14 -30.01
C LYS A 622 35.17 3.07 -29.68
N CYS A 623 34.69 1.87 -29.31
CA CYS A 623 35.55 0.78 -28.92
C CYS A 623 34.78 -0.53 -29.03
N THR A 624 35.53 -1.63 -29.01
CA THR A 624 34.94 -2.97 -29.09
C THR A 624 34.73 -3.55 -27.70
N ALA A 625 33.94 -4.63 -27.65
CA ALA A 625 33.65 -5.27 -26.38
C ALA A 625 34.90 -5.88 -25.76
N LEU A 626 35.78 -6.44 -26.59
CA LEU A 626 37.03 -7.00 -26.08
C LEU A 626 37.91 -5.92 -25.46
N LYS A 627 38.02 -4.76 -26.12
CA LYS A 627 38.85 -3.68 -25.61
C LYS A 627 38.30 -3.13 -24.30
N LYS A 628 36.97 -2.97 -24.21
CA LYS A 628 36.36 -2.45 -22.99
C LYS A 628 36.60 -3.37 -21.81
N ALA A 629 36.55 -4.69 -22.04
CA ALA A 629 36.76 -5.64 -20.96
C ALA A 629 38.17 -5.52 -20.39
N GLN A 630 39.17 -5.34 -21.25
CA GLN A 630 40.55 -5.23 -20.78
C GLN A 630 40.77 -3.93 -20.01
N ILE A 631 40.21 -2.83 -20.50
CA ILE A 631 40.46 -1.52 -19.90
C ILE A 631 39.78 -1.40 -18.54
N GLU A 632 38.54 -1.86 -18.42
CA GLU A 632 37.76 -1.70 -17.21
C GLU A 632 37.94 -2.82 -16.21
N ALA A 633 38.69 -3.87 -16.55
CA ALA A 633 38.89 -4.98 -15.62
C ALA A 633 39.60 -4.58 -14.34
N PRO A 634 40.72 -3.84 -14.36
CA PRO A 634 41.41 -3.55 -13.10
C PRO A 634 40.59 -2.76 -12.10
N TYR A 635 39.68 -1.88 -12.56
CA TYR A 635 38.93 -1.05 -11.63
C TYR A 635 38.01 -1.86 -10.74
N HIS A 636 37.59 -3.04 -11.18
CA HIS A 636 36.61 -3.82 -10.43
C HIS A 636 37.14 -4.24 -9.07
N ASP A 637 38.42 -4.59 -8.99
CA ASP A 637 39.01 -4.92 -7.70
C ASP A 637 39.10 -3.71 -6.77
N LEU A 638 39.05 -2.51 -7.31
CA LEU A 638 39.17 -1.30 -6.51
C LEU A 638 37.82 -0.81 -5.98
N THR A 639 36.81 -0.76 -6.85
CA THR A 639 35.48 -0.30 -6.47
C THR A 639 34.68 -1.48 -5.92
N ARG A 640 34.99 -1.85 -4.68
CA ARG A 640 34.32 -2.97 -4.04
C ARG A 640 32.89 -2.65 -3.64
N GLY A 641 32.52 -1.37 -3.61
CA GLY A 641 31.17 -1.00 -3.23
C GLY A 641 30.12 -1.13 -4.31
N GLY A 642 30.53 -1.39 -5.55
CA GLY A 642 29.59 -1.55 -6.63
C GLY A 642 30.16 -1.21 -7.99
N HIS A 643 29.84 -2.02 -9.00
CA HIS A 643 30.32 -1.81 -10.36
C HIS A 643 29.42 -2.56 -11.31
N ILE A 644 29.54 -2.24 -12.60
CA ILE A 644 28.72 -2.88 -13.62
C ILE A 644 29.47 -2.81 -14.94
N PHE A 645 29.33 -3.85 -15.75
CA PHE A 645 29.83 -3.89 -17.12
C PHE A 645 28.66 -3.79 -18.07
N TYR A 646 28.72 -2.82 -18.98
CA TYR A 646 27.61 -2.51 -19.88
C TYR A 646 28.02 -2.78 -21.31
N VAL A 647 27.23 -3.61 -22.00
CA VAL A 647 27.42 -3.89 -23.42
C VAL A 647 26.12 -3.58 -24.13
N GLU A 648 26.17 -2.69 -25.10
CA GLU A 648 25.01 -2.32 -25.91
C GLU A 648 25.24 -2.78 -27.34
N ILE A 649 24.18 -3.30 -27.96
CA ILE A 649 24.29 -3.84 -29.31
C ILE A 649 23.11 -3.38 -30.15
N HIS A 655 20.34 -11.44 -31.59
CA HIS A 655 19.29 -12.42 -31.87
C HIS A 655 19.70 -13.82 -31.42
N ASN A 656 20.88 -14.25 -31.87
CA ASN A 656 21.34 -15.59 -31.54
C ASN A 656 21.78 -15.64 -30.08
N PRO A 657 21.42 -16.68 -29.33
CA PRO A 657 21.84 -16.76 -27.92
C PRO A 657 23.35 -16.88 -27.75
N SER A 658 24.07 -17.31 -28.79
CA SER A 658 25.51 -17.52 -28.65
C SER A 658 26.25 -16.21 -28.36
N VAL A 659 25.82 -15.11 -29.01
CA VAL A 659 26.50 -13.83 -28.82
C VAL A 659 26.35 -13.36 -27.38
N ILE A 660 25.31 -13.81 -26.68
CA ILE A 660 25.20 -13.53 -25.25
C ILE A 660 26.28 -14.28 -24.49
N GLU A 661 26.56 -15.52 -24.90
CA GLU A 661 27.62 -16.30 -24.27
C GLU A 661 28.99 -15.70 -24.58
N SER A 662 29.09 -14.90 -25.64
CA SER A 662 30.35 -14.22 -25.94
C SER A 662 30.69 -13.22 -24.85
N VAL A 663 29.68 -12.53 -24.31
CA VAL A 663 29.93 -11.53 -23.26
C VAL A 663 30.48 -12.21 -22.01
N VAL A 664 29.90 -13.34 -21.62
CA VAL A 664 30.41 -14.05 -20.45
C VAL A 664 31.72 -14.76 -20.78
N ASP A 665 31.98 -15.00 -22.06
CA ASP A 665 33.26 -15.60 -22.44
C ASP A 665 34.41 -14.61 -22.23
N MET A 666 34.23 -13.37 -22.69
CA MET A 666 35.25 -12.35 -22.43
C MET A 666 35.28 -11.96 -20.96
N MET A 667 34.13 -11.99 -20.29
CA MET A 667 34.09 -11.81 -18.84
C MET A 667 34.79 -12.96 -18.12
N ASP A 668 34.92 -14.12 -18.77
CA ASP A 668 35.62 -15.24 -18.15
C ASP A 668 37.13 -15.06 -18.20
N LYS A 669 37.66 -14.55 -19.31
CA LYS A 669 39.10 -14.41 -19.46
C LYS A 669 39.66 -13.39 -18.48
N TYR A 670 39.00 -12.25 -18.32
CA TYR A 670 39.46 -11.16 -17.47
C TYR A 670 38.55 -11.06 -16.25
N ASN A 671 39.15 -10.86 -15.08
CA ASN A 671 38.40 -10.87 -13.83
C ASN A 671 37.50 -9.65 -13.78
N MET A 672 36.23 -9.84 -14.12
CA MET A 672 35.21 -8.80 -14.04
C MET A 672 34.10 -9.26 -13.10
N GLY A 673 33.05 -8.46 -13.00
CA GLY A 673 31.96 -8.76 -12.10
C GLY A 673 30.58 -8.78 -12.75
N TYR A 674 29.67 -7.97 -12.21
CA TYR A 674 28.31 -7.93 -12.71
C TYR A 674 28.29 -7.43 -14.15
N GLY A 675 27.47 -8.09 -14.97
CA GLY A 675 27.36 -7.75 -16.38
C GLY A 675 25.91 -7.67 -16.82
N SER A 676 25.67 -6.83 -17.81
CA SER A 676 24.34 -6.65 -18.35
C SER A 676 24.43 -6.36 -19.84
N VAL A 677 23.40 -6.75 -20.58
CA VAL A 677 23.30 -6.52 -22.01
C VAL A 677 22.01 -5.74 -22.27
N ASN A 678 22.10 -4.69 -23.08
CA ASN A 678 20.97 -3.83 -23.37
C ASN A 678 20.88 -3.58 -24.87
N HIS A 679 19.68 -3.21 -25.31
CA HIS A 679 19.44 -2.88 -26.71
C HIS A 679 19.07 -1.42 -26.90
N ASN A 680 18.05 -0.93 -26.19
CA ASN A 680 17.60 0.46 -26.29
C ASN A 680 17.29 0.87 -27.72
N ILE B 93 10.00 36.92 15.15
CA ILE B 93 10.79 35.73 15.44
C ILE B 93 9.88 34.53 15.65
N ALA B 94 8.64 34.79 16.08
CA ALA B 94 7.69 33.71 16.34
C ALA B 94 7.38 32.91 15.10
N ARG B 95 7.53 33.49 13.91
CA ARG B 95 7.31 32.78 12.66
C ARG B 95 8.40 31.76 12.36
N LYS B 96 9.53 31.82 13.06
CA LYS B 96 10.59 30.84 12.87
C LYS B 96 11.17 30.41 14.22
N ALA B 97 10.39 30.55 15.28
CA ALA B 97 10.75 30.02 16.59
C ALA B 97 9.77 28.98 17.12
N LYS B 98 8.50 29.02 16.73
CA LYS B 98 7.56 27.96 17.05
C LYS B 98 7.34 27.00 15.89
N THR B 99 7.63 27.42 14.66
CA THR B 99 7.59 26.53 13.50
C THR B 99 8.77 25.56 13.47
N ARG B 100 9.86 25.89 14.17
CA ARG B 100 10.98 24.98 14.36
C ARG B 100 10.71 23.93 15.42
N ASP B 101 9.99 24.30 16.48
CA ASP B 101 9.61 23.34 17.51
C ASP B 101 8.50 22.39 17.03
N VAL B 102 7.81 22.74 15.95
CA VAL B 102 6.79 21.87 15.38
C VAL B 102 7.46 20.69 14.70
N PHE B 103 8.46 20.97 13.87
CA PHE B 103 9.16 19.92 13.13
C PHE B 103 9.91 18.99 14.08
N MET B 104 10.56 19.57 15.10
CA MET B 104 11.28 18.78 16.10
C MET B 104 10.33 17.83 16.82
N SER B 105 9.11 18.30 17.11
CA SER B 105 8.12 17.45 17.74
C SER B 105 7.76 16.26 16.85
N ILE B 106 7.66 16.49 15.54
CA ILE B 106 7.39 15.40 14.61
C ILE B 106 8.57 14.43 14.57
N VAL B 107 9.79 14.96 14.50
CA VAL B 107 10.98 14.12 14.37
C VAL B 107 11.17 13.24 15.59
N ASN B 108 10.98 13.80 16.79
CA ASN B 108 11.25 13.09 18.03
C ASN B 108 10.16 12.09 18.40
N ALA B 109 9.16 11.90 17.53
CA ALA B 109 8.07 10.95 17.76
C ALA B 109 7.33 11.27 19.06
N LYS B 110 6.75 12.47 19.09
CA LYS B 110 5.98 12.92 20.24
C LYS B 110 4.60 12.28 20.23
N ASN B 111 3.80 12.61 21.24
CA ASN B 111 2.49 11.98 21.43
C ASN B 111 1.32 12.95 21.37
N ASN B 112 1.56 14.25 21.51
CA ASN B 112 0.47 15.22 21.60
C ASN B 112 0.50 16.29 20.51
N ASP B 113 1.67 16.59 19.93
CA ASP B 113 1.79 17.71 19.02
C ASP B 113 1.13 17.42 17.67
N ILE B 114 -0.21 17.42 17.65
CA ILE B 114 -1.04 17.30 16.46
C ILE B 114 -0.63 16.13 15.58
N THR B 115 0.13 15.20 16.15
CA THR B 115 0.53 13.99 15.43
C THR B 115 -0.49 12.86 15.58
N ARG B 116 -1.56 13.09 16.33
CA ARG B 116 -2.59 12.09 16.58
C ARG B 116 -3.96 12.61 16.14
N GLU B 117 -4.01 13.27 14.99
CA GLU B 117 -5.29 13.72 14.45
C GLU B 117 -6.06 12.58 13.81
N ASN B 118 -5.37 11.66 13.14
CA ASN B 118 -5.99 10.58 12.39
C ASN B 118 -5.48 9.23 12.91
N ALA B 119 -6.40 8.29 13.07
CA ALA B 119 -6.05 6.98 13.62
C ALA B 119 -5.65 5.96 12.57
N ASN B 120 -5.97 6.19 11.30
CA ASN B 120 -5.56 5.28 10.24
C ASN B 120 -4.11 5.42 9.85
N MET B 121 -3.43 6.47 10.31
CA MET B 121 -2.04 6.71 9.96
C MET B 121 -1.13 6.33 11.12
N ASN B 122 0.09 5.93 10.78
CA ASN B 122 1.13 5.63 11.76
C ASN B 122 2.20 6.70 11.63
N ALA B 123 2.18 7.66 12.56
CA ALA B 123 3.07 8.82 12.47
C ALA B 123 4.52 8.49 12.84
N ASP B 124 4.77 7.36 13.48
CA ASP B 124 6.12 7.01 13.89
C ASP B 124 6.96 6.45 12.74
N THR B 125 6.36 6.19 11.58
CA THR B 125 7.06 5.64 10.44
C THR B 125 7.54 6.74 9.51
N PRO B 126 8.56 6.47 8.69
CA PRO B 126 8.99 7.48 7.71
C PRO B 126 7.87 7.92 6.79
N ALA B 127 6.99 7.01 6.38
CA ALA B 127 5.86 7.40 5.56
C ALA B 127 4.92 8.34 6.32
N GLY B 128 4.70 8.06 7.60
CA GLY B 128 3.83 8.92 8.39
C GLY B 128 4.43 10.30 8.64
N MET B 129 5.75 10.34 8.89
CA MET B 129 6.39 11.62 9.18
C MET B 129 6.35 12.56 7.98
N MET B 130 6.55 12.03 6.77
CA MET B 130 6.52 12.87 5.59
C MET B 130 5.13 13.47 5.36
N MET B 131 4.08 12.70 5.65
CA MET B 131 2.73 13.24 5.54
C MET B 131 2.50 14.37 6.54
N LYS B 132 3.01 14.23 7.76
CA LYS B 132 2.84 15.26 8.77
C LYS B 132 3.53 16.56 8.36
N PHE B 133 4.73 16.46 7.79
CA PHE B 133 5.43 17.66 7.33
C PHE B 133 4.66 18.37 6.22
N ALA B 134 4.12 17.60 5.27
CA ALA B 134 3.41 18.20 4.16
C ALA B 134 2.09 18.82 4.61
N SER B 135 1.37 18.14 5.50
CA SER B 135 0.11 18.67 6.01
C SER B 135 0.33 19.97 6.77
N GLU B 136 1.39 20.03 7.58
CA GLU B 136 1.66 21.21 8.38
C GLU B 136 2.12 22.39 7.55
N THR B 137 2.40 22.18 6.26
CA THR B 137 2.83 23.28 5.40
C THR B 137 1.64 23.89 4.65
N THR B 138 0.76 23.06 4.12
CA THR B 138 -0.32 23.55 3.27
C THR B 138 -1.43 24.21 4.05
N LYS B 139 -1.72 23.74 5.28
CA LYS B 139 -2.81 24.34 6.04
C LYS B 139 -2.59 25.82 6.34
N PRO B 140 -1.41 26.26 6.81
CA PRO B 140 -1.18 27.72 6.86
C PRO B 140 -1.26 28.38 5.50
N PHE B 141 -0.86 27.69 4.43
CA PHE B 141 -0.92 28.26 3.09
C PHE B 141 -2.37 28.52 2.69
N VAL B 142 -3.28 27.61 3.04
CA VAL B 142 -4.69 27.77 2.67
C VAL B 142 -5.29 29.01 3.31
N ASP B 143 -4.97 29.24 4.58
CA ASP B 143 -5.63 30.29 5.35
C ASP B 143 -5.36 31.68 4.78
N ASP B 144 -4.11 31.95 4.41
CA ASP B 144 -3.71 33.29 3.99
C ASP B 144 -3.54 33.43 2.48
N TYR B 145 -3.90 32.41 1.70
CA TYR B 145 -3.78 32.52 0.26
C TYR B 145 -4.94 31.94 -0.53
N LEU B 146 -5.83 31.15 0.06
CA LEU B 146 -6.87 30.45 -0.69
C LEU B 146 -8.28 30.92 -0.37
N LEU B 147 -8.70 30.86 0.89
CA LEU B 147 -10.07 31.22 1.21
C LEU B 147 -10.21 32.73 1.38
N SER B 148 -11.46 33.20 1.25
CA SER B 148 -11.76 34.62 1.29
C SER B 148 -11.77 35.11 2.75
N GLU B 149 -11.98 36.42 2.92
CA GLU B 149 -11.92 37.03 4.25
C GLU B 149 -13.16 36.73 5.08
N ASP B 150 -14.34 36.71 4.45
CA ASP B 150 -15.56 36.45 5.21
C ASP B 150 -15.55 35.04 5.80
N VAL B 151 -15.14 34.05 5.01
CA VAL B 151 -15.01 32.69 5.53
C VAL B 151 -13.86 32.60 6.53
N ARG B 152 -12.77 33.32 6.27
CA ARG B 152 -11.61 33.27 7.16
C ARG B 152 -11.95 33.79 8.56
N ASP B 153 -12.73 34.88 8.63
CA ASP B 153 -13.08 35.45 9.93
C ASP B 153 -13.90 34.47 10.75
N ALA B 154 -14.74 33.67 10.10
CA ALA B 154 -15.47 32.62 10.80
C ALA B 154 -14.52 31.56 11.34
N VAL B 155 -13.49 31.22 10.58
CA VAL B 155 -12.55 30.18 11.00
C VAL B 155 -11.76 30.63 12.23
N MET B 156 -11.22 31.85 12.18
CA MET B 156 -10.40 32.34 13.29
C MET B 156 -11.22 32.60 14.54
N HIS B 157 -12.51 32.87 14.40
CA HIS B 157 -13.41 33.05 15.53
C HIS B 157 -14.15 31.76 15.88
N ASN B 158 -13.77 30.64 15.28
CA ASN B 158 -14.32 29.32 15.59
C ASN B 158 -15.83 29.26 15.30
N TYR B 159 -16.16 29.50 14.03
CA TYR B 159 -17.53 29.41 13.56
C TYR B 159 -17.73 28.29 12.55
N ILE B 160 -16.90 28.22 11.52
CA ILE B 160 -17.03 27.24 10.45
C ILE B 160 -15.75 26.42 10.39
N HIS B 161 -15.90 25.10 10.36
CA HIS B 161 -14.77 24.18 10.26
C HIS B 161 -14.81 23.50 8.90
N ILE B 162 -13.64 23.37 8.29
CA ILE B 162 -13.49 22.71 6.99
C ILE B 162 -12.88 21.33 7.22
N HIS B 163 -13.31 20.36 6.42
CA HIS B 163 -12.85 18.99 6.55
C HIS B 163 -11.83 18.67 5.47
N ASP B 164 -10.70 18.08 5.88
CA ASP B 164 -9.61 17.72 4.98
C ASP B 164 -9.04 18.96 4.29
N LYS B 165 -8.54 19.90 5.11
CA LYS B 165 -7.90 21.09 4.58
C LYS B 165 -6.50 20.80 4.05
N ASP B 166 -5.90 19.68 4.46
CA ASP B 166 -4.57 19.33 3.98
C ASP B 166 -4.57 19.09 2.48
N TYR B 167 -5.57 18.38 1.97
CA TYR B 167 -5.67 18.04 0.57
C TYR B 167 -6.37 19.12 -0.24
N TYR B 168 -6.58 20.30 0.32
CA TYR B 168 -7.28 21.36 -0.39
C TYR B 168 -6.60 21.75 -1.71
N PRO B 169 -5.28 21.99 -1.77
CA PRO B 169 -4.67 22.32 -3.06
C PRO B 169 -4.55 21.14 -4.01
N THR B 170 -4.79 19.91 -3.55
CA THR B 170 -4.64 18.73 -4.40
C THR B 170 -5.86 18.48 -5.28
N LYS B 171 -7.00 19.09 -4.98
CA LYS B 171 -8.23 18.92 -5.74
C LYS B 171 -8.66 17.45 -5.76
N SER B 172 -8.93 16.92 -4.58
CA SER B 172 -9.24 15.51 -4.40
C SER B 172 -10.70 15.33 -4.01
N LEU B 173 -11.35 14.36 -4.64
CA LEU B 173 -12.72 13.98 -4.31
C LEU B 173 -12.73 13.07 -3.09
N THR B 174 -13.92 12.84 -2.54
CA THR B 174 -14.02 12.05 -1.32
C THR B 174 -14.06 10.55 -1.62
N CYS B 175 -15.11 10.08 -2.30
CA CYS B 175 -15.34 8.65 -2.40
C CYS B 175 -16.08 8.32 -3.69
N VAL B 176 -16.16 7.02 -3.98
CA VAL B 176 -16.79 6.53 -5.21
C VAL B 176 -17.19 5.08 -4.99
N GLN B 177 -18.11 4.59 -5.83
CA GLN B 177 -18.50 3.19 -5.87
C GLN B 177 -17.78 2.50 -7.02
N HIS B 178 -17.60 1.17 -6.89
CA HIS B 178 -16.81 0.42 -7.86
C HIS B 178 -17.66 -0.56 -8.65
N PRO B 179 -17.93 -0.31 -9.93
CA PRO B 179 -18.54 -1.33 -10.79
C PRO B 179 -17.53 -2.38 -11.27
N LEU B 180 -17.32 -3.43 -10.49
CA LEU B 180 -16.27 -4.41 -10.78
C LEU B 180 -16.51 -5.18 -12.07
N ASP B 181 -17.71 -5.09 -12.65
CA ASP B 181 -18.00 -5.85 -13.87
C ASP B 181 -17.07 -5.47 -15.01
N VAL B 182 -16.76 -4.17 -15.13
CA VAL B 182 -15.98 -3.69 -16.27
C VAL B 182 -14.56 -4.23 -16.23
N ILE B 183 -13.95 -4.34 -15.04
CA ILE B 183 -12.56 -4.76 -14.95
C ILE B 183 -12.39 -6.28 -14.91
N LEU B 184 -13.41 -7.02 -14.49
CA LEU B 184 -13.29 -8.47 -14.39
C LEU B 184 -13.62 -9.21 -15.68
N ASN B 185 -14.18 -8.53 -16.68
CA ASN B 185 -14.59 -9.19 -17.91
C ASN B 185 -13.90 -8.65 -19.15
N HIS B 186 -13.12 -7.57 -19.05
CA HIS B 186 -12.44 -7.03 -20.22
C HIS B 186 -10.95 -6.85 -19.94
N GLY B 187 -10.60 -6.62 -18.67
CA GLY B 187 -9.24 -6.32 -18.30
C GLY B 187 -8.97 -4.83 -18.26
N PHE B 188 -7.87 -4.48 -17.61
CA PHE B 188 -7.51 -3.07 -17.43
C PHE B 188 -6.00 -2.92 -17.39
N THR B 189 -5.54 -1.72 -17.72
CA THR B 189 -4.13 -1.38 -17.73
C THR B 189 -3.88 -0.30 -16.69
N ALA B 190 -3.00 -0.59 -15.73
CA ALA B 190 -2.63 0.35 -14.68
C ALA B 190 -1.13 0.61 -14.76
N GLY B 191 -0.75 1.88 -14.82
CA GLY B 191 0.65 2.22 -14.98
C GLY B 191 1.18 1.68 -16.28
N HIS B 192 2.32 0.98 -16.19
CA HIS B 192 2.92 0.32 -17.35
C HIS B 192 2.50 -1.15 -17.46
N GLY B 193 1.60 -1.62 -16.59
CA GLY B 193 1.14 -2.98 -16.62
C GLY B 193 -0.15 -3.14 -17.41
N SER B 194 -0.70 -4.35 -17.35
CA SER B 194 -1.92 -4.68 -18.07
C SER B 194 -2.51 -5.94 -17.46
N SER B 195 -3.62 -6.40 -18.05
CA SER B 195 -4.30 -7.60 -17.59
C SER B 195 -5.28 -8.06 -18.67
N ARG B 196 -5.74 -9.29 -18.53
CA ARG B 196 -6.72 -9.91 -19.41
C ARG B 196 -7.85 -10.50 -18.59
N PRO B 197 -9.02 -10.73 -19.20
CA PRO B 197 -10.20 -11.14 -18.43
C PRO B 197 -9.96 -12.42 -17.64
N ALA B 198 -10.54 -12.47 -16.44
CA ALA B 198 -10.36 -13.60 -15.54
C ALA B 198 -11.02 -14.85 -16.10
N LYS B 199 -10.41 -16.01 -15.81
CA LYS B 199 -10.91 -17.29 -16.26
C LYS B 199 -11.38 -18.20 -15.14
N ARG B 200 -10.89 -18.00 -13.91
CA ARG B 200 -11.36 -18.76 -12.76
C ARG B 200 -11.66 -17.82 -11.60
N ILE B 201 -11.93 -18.36 -10.43
CA ILE B 201 -12.25 -17.52 -9.28
C ILE B 201 -10.99 -16.99 -8.60
N GLU B 202 -9.86 -17.68 -8.75
CA GLU B 202 -8.62 -17.20 -8.16
C GLU B 202 -8.13 -15.92 -8.83
N THR B 203 -8.26 -15.84 -10.16
CA THR B 203 -7.83 -14.67 -10.91
C THR B 203 -8.89 -13.58 -10.99
N ALA B 204 -10.04 -13.78 -10.35
CA ALA B 204 -11.09 -12.76 -10.30
C ALA B 204 -11.16 -12.05 -8.96
N ALA B 205 -10.86 -12.74 -7.86
CA ALA B 205 -10.85 -12.09 -6.55
C ALA B 205 -9.66 -11.16 -6.40
N VAL B 206 -8.56 -11.43 -7.11
CA VAL B 206 -7.34 -10.63 -6.96
C VAL B 206 -7.43 -9.33 -7.76
N LEU B 207 -8.22 -9.27 -8.82
CA LEU B 207 -8.35 -8.05 -9.60
C LEU B 207 -9.20 -7.01 -8.89
N ALA B 208 -10.05 -7.43 -7.95
CA ALA B 208 -10.87 -6.48 -7.20
C ALA B 208 -10.04 -5.69 -6.20
N CYS B 209 -9.05 -6.34 -5.58
CA CYS B 209 -8.19 -5.64 -4.63
C CYS B 209 -7.33 -4.59 -5.32
N ILE B 210 -6.91 -4.86 -6.55
CA ILE B 210 -6.04 -3.92 -7.27
C ILE B 210 -6.75 -2.60 -7.50
N SER B 211 -8.02 -2.66 -7.90
CA SER B 211 -8.76 -1.43 -8.20
C SER B 211 -8.94 -0.58 -6.96
N LEU B 212 -9.22 -1.20 -5.82
CA LEU B 212 -9.41 -0.44 -4.58
C LEU B 212 -8.11 0.22 -4.15
N GLU B 213 -6.99 -0.49 -4.23
CA GLU B 213 -5.70 0.09 -3.88
C GLU B 213 -5.32 1.22 -4.83
N THR B 214 -5.54 1.02 -6.13
CA THR B 214 -5.16 2.02 -7.11
C THR B 214 -5.97 3.30 -6.96
N CYS B 215 -7.28 3.17 -6.73
CA CYS B 215 -8.14 4.35 -6.69
C CYS B 215 -7.99 5.13 -5.39
N GLN B 216 -7.48 4.49 -4.34
CA GLN B 216 -7.30 5.19 -3.07
C GLN B 216 -6.28 6.31 -3.21
N ASN B 217 -5.19 6.07 -3.94
CA ASN B 217 -4.15 7.07 -4.11
C ASN B 217 -4.59 8.24 -4.95
N GLU B 218 -5.86 8.32 -5.36
CA GLU B 218 -6.37 9.45 -6.11
C GLU B 218 -7.48 10.20 -5.38
N MET B 219 -7.83 9.81 -4.17
CA MET B 219 -8.87 10.48 -3.40
C MET B 219 -8.51 10.40 -1.91
N HIS B 220 -9.13 11.28 -1.12
CA HIS B 220 -8.82 11.40 0.30
C HIS B 220 -9.87 10.74 1.19
N GLY B 221 -10.76 9.91 0.63
CA GLY B 221 -11.82 9.29 1.39
C GLY B 221 -11.84 7.78 1.19
N GLY B 222 -13.06 7.22 1.30
CA GLY B 222 -13.23 5.79 1.26
C GLY B 222 -13.56 5.25 -0.12
N GLN B 223 -13.61 3.92 -0.21
CA GLN B 223 -13.96 3.20 -1.44
C GLN B 223 -15.02 2.16 -1.12
N ALA B 224 -15.92 1.91 -2.07
CA ALA B 224 -17.02 1.00 -1.85
C ALA B 224 -17.28 0.16 -3.08
N ILE B 225 -17.82 -1.03 -2.86
CA ILE B 225 -18.19 -1.94 -3.95
C ILE B 225 -19.62 -2.42 -3.74
N PRO B 226 -20.56 -2.03 -4.60
CA PRO B 226 -21.93 -2.53 -4.50
C PRO B 226 -22.14 -3.79 -5.34
N ALA B 227 -23.18 -4.54 -4.99
CA ALA B 227 -23.57 -5.74 -5.72
C ALA B 227 -22.39 -6.71 -5.87
N PHE B 228 -21.69 -6.93 -4.75
CA PHE B 228 -20.50 -7.77 -4.76
C PHE B 228 -20.83 -9.20 -5.17
N ASP B 229 -21.92 -9.74 -4.63
CA ASP B 229 -22.27 -11.13 -4.92
C ASP B 229 -22.66 -11.32 -6.38
N PHE B 230 -23.31 -10.32 -6.97
CA PHE B 230 -23.72 -10.43 -8.37
C PHE B 230 -22.52 -10.38 -9.32
N TYR B 231 -21.51 -9.57 -8.99
CA TYR B 231 -20.39 -9.38 -9.90
C TYR B 231 -19.52 -10.62 -10.01
N LEU B 232 -19.35 -11.36 -8.91
CA LEU B 232 -18.52 -12.56 -8.90
C LEU B 232 -19.27 -13.82 -9.33
N ALA B 233 -20.58 -13.72 -9.54
CA ALA B 233 -21.37 -14.91 -9.87
C ALA B 233 -20.98 -15.58 -11.18
N PRO B 234 -20.86 -14.87 -12.32
CA PRO B 234 -20.65 -15.58 -13.59
C PRO B 234 -19.41 -16.44 -13.63
N TYR B 235 -18.35 -16.05 -12.91
CA TYR B 235 -17.08 -16.76 -13.03
C TYR B 235 -17.04 -18.06 -12.22
N VAL B 236 -18.02 -18.28 -11.34
CA VAL B 236 -18.16 -19.59 -10.74
C VAL B 236 -18.68 -20.59 -11.76
N ARG B 237 -19.63 -20.18 -12.60
CA ARG B 237 -20.07 -21.01 -13.71
C ARG B 237 -18.98 -21.12 -14.78
N MET B 238 -18.24 -20.05 -15.03
CA MET B 238 -17.11 -20.12 -15.95
C MET B 238 -16.06 -21.10 -15.44
N SER B 239 -15.91 -21.19 -14.12
CA SER B 239 -15.05 -22.21 -13.53
C SER B 239 -15.58 -23.60 -13.84
N TYR B 240 -16.91 -23.74 -13.92
CA TYR B 240 -17.50 -25.03 -14.25
C TYR B 240 -17.23 -25.40 -15.70
N GLN B 241 -17.15 -24.42 -16.59
CA GLN B 241 -16.87 -24.70 -17.99
C GLN B 241 -15.43 -25.15 -18.19
N GLU B 242 -14.48 -24.47 -17.52
CA GLU B 242 -13.07 -24.83 -17.68
C GLU B 242 -12.78 -26.22 -17.13
N GLU B 243 -13.36 -26.57 -15.98
CA GLU B 243 -13.13 -27.89 -15.41
C GLU B 243 -13.75 -28.99 -16.29
N VAL B 244 -14.85 -28.69 -16.97
CA VAL B 244 -15.44 -29.67 -17.88
C VAL B 244 -14.53 -29.89 -19.07
N LYS B 245 -14.05 -28.80 -19.69
CA LYS B 245 -13.13 -28.94 -20.82
C LYS B 245 -11.84 -29.62 -20.40
N ASN B 246 -11.40 -29.36 -19.17
CA ASN B 246 -10.25 -30.10 -18.64
C ASN B 246 -10.57 -31.58 -18.50
N LEU B 247 -11.79 -31.90 -18.07
CA LEU B 247 -12.20 -33.31 -17.98
C LEU B 247 -12.31 -33.94 -19.35
N GLU B 248 -12.70 -33.15 -20.37
CA GLU B 248 -12.88 -33.69 -21.71
C GLU B 248 -11.57 -34.24 -22.27
N LYS B 249 -10.48 -33.47 -22.13
CA LYS B 249 -9.19 -33.93 -22.65
C LYS B 249 -8.71 -35.16 -21.90
N LEU B 250 -8.89 -35.20 -20.58
CA LEU B 250 -8.46 -36.34 -19.79
C LEU B 250 -9.33 -37.57 -20.02
N THR B 251 -10.53 -37.40 -20.59
CA THR B 251 -11.46 -38.50 -20.80
C THR B 251 -11.66 -38.81 -22.28
N GLY B 252 -12.00 -37.80 -23.07
CA GLY B 252 -12.22 -37.97 -24.49
C GLY B 252 -13.67 -37.98 -24.95
N GLU B 253 -14.61 -37.51 -24.12
CA GLU B 253 -16.02 -37.51 -24.46
C GLU B 253 -16.39 -36.21 -25.19
N ASP B 254 -17.69 -35.99 -25.36
CA ASP B 254 -18.24 -34.74 -25.88
C ASP B 254 -19.22 -34.23 -24.84
N LEU B 255 -18.72 -33.46 -23.88
CA LEU B 255 -19.50 -32.99 -22.75
C LEU B 255 -20.10 -31.60 -23.00
N SER B 256 -20.45 -31.30 -24.25
CA SER B 256 -21.03 -30.00 -24.55
C SER B 256 -22.40 -29.83 -23.89
N ASN B 257 -23.10 -30.93 -23.63
CA ASN B 257 -24.39 -30.85 -22.95
C ASN B 257 -24.27 -30.37 -21.51
N LEU B 258 -23.08 -30.48 -20.92
CA LEU B 258 -22.85 -30.03 -19.55
C LEU B 258 -22.43 -28.57 -19.47
N TYR B 259 -22.37 -27.86 -20.59
CA TYR B 259 -22.03 -26.44 -20.56
C TYR B 259 -23.09 -25.61 -19.86
N ASP B 260 -24.36 -25.97 -20.03
CA ASP B 260 -25.48 -25.27 -19.41
C ASP B 260 -26.35 -26.23 -18.62
N ALA B 261 -25.72 -27.05 -17.81
CA ALA B 261 -26.44 -28.05 -17.03
C ALA B 261 -27.16 -27.38 -15.86
N PRO B 262 -28.49 -27.53 -15.75
CA PRO B 262 -29.24 -26.90 -14.64
C PRO B 262 -29.14 -27.68 -13.33
N ILE B 263 -28.04 -27.45 -12.62
CA ILE B 263 -27.81 -28.08 -11.32
C ILE B 263 -28.51 -27.24 -10.24
N ASP B 264 -29.03 -27.92 -9.21
CA ASP B 264 -29.82 -27.23 -8.20
C ASP B 264 -28.96 -26.30 -7.35
N ASP B 265 -27.83 -26.79 -6.84
CA ASP B 265 -27.05 -26.02 -5.89
C ASP B 265 -25.56 -26.33 -6.08
N TYR B 266 -24.73 -25.46 -5.50
CA TYR B 266 -23.28 -25.64 -5.47
C TYR B 266 -22.78 -26.13 -4.12
N ILE B 267 -23.68 -26.62 -3.25
CA ILE B 267 -23.27 -27.14 -1.96
C ILE B 267 -22.49 -28.44 -2.16
N GLU B 268 -21.41 -28.58 -1.40
CA GLU B 268 -20.55 -29.76 -1.53
C GLU B 268 -21.21 -30.98 -0.90
N LYS B 269 -21.25 -32.07 -1.65
CA LYS B 269 -21.78 -33.35 -1.16
C LYS B 269 -20.70 -34.41 -1.26
N PRO B 270 -20.16 -34.89 -0.14
CA PRO B 270 -19.04 -35.84 -0.21
C PRO B 270 -19.42 -37.13 -0.93
N LEU B 271 -18.44 -37.67 -1.67
CA LEU B 271 -18.65 -38.89 -2.46
C LEU B 271 -18.25 -40.10 -1.61
N ASP B 272 -19.18 -40.49 -0.73
CA ASP B 272 -18.99 -41.64 0.14
C ASP B 272 -20.14 -42.63 -0.07
N GLY B 273 -19.79 -43.90 -0.20
CA GLY B 273 -20.79 -44.94 -0.37
C GLY B 273 -21.57 -44.82 -1.67
N LEU B 274 -20.92 -44.39 -2.74
CA LEU B 274 -21.54 -44.32 -4.04
C LEU B 274 -20.55 -44.76 -5.10
N GLN B 275 -21.07 -45.23 -6.22
CA GLN B 275 -20.25 -45.77 -7.30
C GLN B 275 -20.75 -45.24 -8.64
N GLY B 276 -19.99 -45.55 -9.69
CA GLY B 276 -20.39 -45.14 -11.03
C GLY B 276 -20.16 -43.66 -11.26
N ARG B 277 -21.12 -43.04 -11.95
CA ARG B 277 -21.00 -41.63 -12.29
C ARG B 277 -21.06 -40.72 -11.07
N GLU B 278 -21.50 -41.24 -9.92
CA GLU B 278 -21.48 -40.44 -8.70
C GLU B 278 -20.07 -40.07 -8.27
N ARG B 279 -19.07 -40.83 -8.72
CA ARG B 279 -17.67 -40.47 -8.55
C ARG B 279 -17.07 -39.90 -9.83
N LEU B 280 -17.90 -39.50 -10.79
CA LEU B 280 -17.45 -38.88 -12.02
C LEU B 280 -18.06 -37.52 -12.27
N GLU B 281 -19.23 -37.22 -11.71
CA GLU B 281 -19.87 -35.92 -11.86
C GLU B 281 -19.95 -35.13 -10.57
N GLN B 282 -20.18 -35.81 -9.44
CA GLN B 282 -20.18 -35.11 -8.15
C GLN B 282 -18.81 -34.53 -7.84
N HIS B 283 -17.75 -35.12 -8.39
CA HIS B 283 -16.40 -34.61 -8.15
C HIS B 283 -16.24 -33.19 -8.67
N ALA B 284 -16.83 -32.90 -9.83
CA ALA B 284 -16.72 -31.56 -10.41
C ALA B 284 -17.38 -30.50 -9.55
N ILE B 285 -18.30 -30.89 -8.66
CA ILE B 285 -18.93 -29.93 -7.76
C ILE B 285 -18.10 -29.76 -6.48
N ASN B 286 -17.64 -30.85 -5.90
CA ASN B 286 -16.77 -30.75 -4.72
C ASN B 286 -15.42 -30.12 -5.04
N LYS B 287 -15.00 -30.18 -6.31
CA LYS B 287 -13.74 -29.56 -6.71
C LYS B 287 -13.79 -28.05 -6.60
N THR B 288 -14.86 -27.44 -7.11
CA THR B 288 -14.94 -25.98 -7.21
C THR B 288 -15.37 -25.32 -5.90
N VAL B 289 -15.90 -26.06 -4.94
CA VAL B 289 -16.24 -25.46 -3.65
C VAL B 289 -14.99 -24.97 -2.94
N ASN B 290 -13.93 -25.78 -2.94
CA ASN B 290 -12.67 -25.36 -2.32
C ASN B 290 -12.00 -24.24 -3.11
N ARG B 291 -12.18 -24.22 -4.43
CA ARG B 291 -11.59 -23.16 -5.24
C ARG B 291 -12.19 -21.80 -4.89
N VAL B 292 -13.50 -21.74 -4.70
CA VAL B 292 -14.16 -20.48 -4.37
C VAL B 292 -13.77 -20.02 -2.97
N HIS B 293 -13.61 -20.96 -2.04
CA HIS B 293 -13.28 -20.62 -0.66
C HIS B 293 -11.92 -19.93 -0.58
N GLN B 294 -10.95 -20.42 -1.34
CA GLN B 294 -9.61 -19.84 -1.32
C GLN B 294 -9.61 -18.43 -1.90
N ALA B 295 -10.38 -18.19 -2.96
CA ALA B 295 -10.41 -16.87 -3.58
C ALA B 295 -10.93 -15.81 -2.63
N MET B 296 -12.01 -16.11 -1.89
CA MET B 296 -12.52 -15.16 -0.91
C MET B 296 -11.55 -14.98 0.24
N GLU B 297 -10.79 -16.02 0.57
CA GLU B 297 -9.75 -15.90 1.59
C GLU B 297 -8.69 -14.91 1.17
N ALA B 298 -8.31 -14.94 -0.11
CA ALA B 298 -7.27 -14.04 -0.61
C ALA B 298 -7.74 -12.59 -0.64
N PHE B 299 -9.02 -12.37 -0.98
CA PHE B 299 -9.52 -11.01 -1.08
C PHE B 299 -9.46 -10.29 0.26
N ILE B 300 -9.91 -10.95 1.32
CA ILE B 300 -9.92 -10.31 2.64
C ILE B 300 -8.50 -10.08 3.13
N HIS B 301 -7.61 -11.05 2.94
CA HIS B 301 -6.24 -10.92 3.41
C HIS B 301 -5.43 -9.91 2.63
N ASN B 302 -5.93 -9.45 1.48
CA ASN B 302 -5.25 -8.43 0.70
C ASN B 302 -5.85 -7.04 0.91
N MET B 303 -6.79 -6.90 1.84
CA MET B 303 -7.37 -5.61 2.18
C MET B 303 -6.95 -5.12 3.56
N ASN B 304 -6.81 -6.01 4.54
CA ASN B 304 -6.29 -5.62 5.84
C ASN B 304 -4.78 -5.43 5.80
N THR B 305 -4.07 -6.19 4.97
CA THR B 305 -2.62 -6.08 4.89
C THR B 305 -2.21 -4.73 4.27
N ILE B 306 -2.90 -4.31 3.21
CA ILE B 306 -2.55 -3.04 2.57
C ILE B 306 -2.82 -1.86 3.50
N HIS B 307 -3.86 -1.95 4.32
CA HIS B 307 -4.17 -0.85 5.24
C HIS B 307 -3.13 -0.74 6.34
N SER B 308 -2.52 -1.85 6.74
CA SER B 308 -1.50 -1.81 7.79
C SER B 308 -0.24 -1.10 7.32
N ARG B 309 -0.06 -0.93 6.01
CA ARG B 309 1.09 -0.21 5.47
C ARG B 309 0.61 0.90 4.55
N GLY B 310 1.53 1.54 3.83
CA GLY B 310 1.16 2.55 2.86
C GLY B 310 1.88 3.86 3.03
N GLY B 311 2.57 4.31 1.99
CA GLY B 311 3.21 5.61 2.01
C GLY B 311 2.28 6.69 1.52
N ASN B 312 1.27 6.30 0.76
CA ASN B 312 0.25 7.21 0.28
C ASN B 312 -0.90 7.25 1.28
N GLN B 313 -2.03 7.82 0.87
CA GLN B 313 -3.20 7.85 1.74
C GLN B 313 -3.65 6.43 2.06
N VAL B 314 -4.02 6.21 3.32
CA VAL B 314 -4.38 4.87 3.77
C VAL B 314 -5.65 4.40 3.05
N VAL B 315 -5.75 3.09 2.84
CA VAL B 315 -6.79 2.51 2.00
C VAL B 315 -8.05 2.30 2.82
N PHE B 316 -9.16 2.87 2.36
CA PHE B 316 -10.45 2.78 3.02
C PHE B 316 -11.42 2.11 2.05
N SER B 317 -11.92 0.92 2.43
CA SER B 317 -12.67 0.09 1.50
C SER B 317 -13.93 -0.48 2.16
N SER B 318 -14.93 -0.76 1.33
CA SER B 318 -16.18 -1.37 1.79
C SER B 318 -16.84 -2.12 0.64
N ILE B 319 -17.71 -3.07 0.99
CA ILE B 319 -18.43 -3.89 0.02
C ILE B 319 -19.87 -4.07 0.47
N ASN B 320 -20.74 -4.42 -0.49
CA ASN B 320 -22.17 -4.60 -0.26
C ASN B 320 -22.66 -5.85 -0.96
N TYR B 321 -23.57 -6.58 -0.31
CA TYR B 321 -24.16 -7.80 -0.86
C TYR B 321 -25.42 -8.11 -0.07
N GLY B 322 -26.14 -9.15 -0.51
CA GLY B 322 -27.26 -9.64 0.27
C GLY B 322 -28.50 -10.13 -0.45
N THR B 323 -28.68 -9.75 -1.72
CA THR B 323 -29.95 -10.03 -2.39
C THR B 323 -29.80 -10.81 -3.69
N ASP B 324 -29.04 -11.90 -3.68
CA ASP B 324 -28.85 -12.73 -4.87
C ASP B 324 -29.46 -14.11 -4.63
N THR B 325 -30.16 -14.62 -5.64
CA THR B 325 -30.86 -15.89 -5.53
C THR B 325 -30.28 -17.00 -6.42
N SER B 326 -29.32 -16.68 -7.29
CA SER B 326 -28.75 -17.70 -8.16
C SER B 326 -27.89 -18.67 -7.34
N ALA B 327 -27.71 -19.87 -7.89
CA ALA B 327 -26.84 -20.85 -7.25
C ALA B 327 -25.41 -20.34 -7.17
N GLU B 328 -24.93 -19.72 -8.24
CA GLU B 328 -23.61 -19.08 -8.20
C GLU B 328 -23.59 -17.90 -7.23
N GLY B 329 -24.67 -17.13 -7.18
CA GLY B 329 -24.72 -15.98 -6.30
C GLY B 329 -24.68 -16.36 -4.83
N ARG B 330 -25.47 -17.38 -4.45
CA ARG B 330 -25.44 -17.85 -3.07
C ARG B 330 -24.07 -18.41 -2.71
N CYS B 331 -23.34 -18.92 -3.71
CA CYS B 331 -22.00 -19.45 -3.46
C CYS B 331 -21.03 -18.35 -3.04
N ILE B 332 -21.11 -17.19 -3.70
CA ILE B 332 -20.23 -16.07 -3.35
C ILE B 332 -20.52 -15.59 -1.94
N MET B 333 -21.81 -15.43 -1.62
CA MET B 333 -22.20 -14.89 -0.31
C MET B 333 -21.79 -15.84 0.81
N ARG B 334 -22.00 -17.14 0.62
CA ARG B 334 -21.73 -18.08 1.70
C ARG B 334 -20.24 -18.20 1.99
N GLU B 335 -19.40 -17.97 0.98
CA GLU B 335 -17.96 -18.04 1.18
C GLU B 335 -17.42 -16.75 1.81
N ILE B 336 -17.92 -15.59 1.37
CA ILE B 336 -17.43 -14.33 1.91
C ILE B 336 -17.80 -14.20 3.38
N LEU B 337 -18.96 -14.72 3.77
CA LEU B 337 -19.35 -14.70 5.18
C LEU B 337 -18.46 -15.62 6.00
N GLN B 338 -18.21 -16.83 5.51
CA GLN B 338 -17.34 -17.76 6.22
C GLN B 338 -15.91 -17.26 6.26
N SER B 339 -15.45 -16.64 5.17
CA SER B 339 -14.10 -16.08 5.16
C SER B 339 -13.97 -14.93 6.16
N THR B 340 -14.94 -14.03 6.21
CA THR B 340 -14.92 -12.97 7.20
C THR B 340 -15.04 -13.54 8.60
N TYR B 341 -15.99 -14.45 8.81
CA TYR B 341 -16.18 -15.05 10.11
C TYR B 341 -14.97 -15.85 10.57
N GLN B 342 -14.09 -16.26 9.66
CA GLN B 342 -12.90 -16.99 10.04
C GLN B 342 -11.77 -16.06 10.47
N GLY B 343 -11.48 -15.05 9.65
CA GLY B 343 -10.55 -14.00 10.03
C GLY B 343 -9.26 -14.04 9.22
N VAL B 344 -8.45 -13.02 9.45
CA VAL B 344 -7.15 -12.85 8.81
C VAL B 344 -6.06 -13.33 9.76
N GLY B 345 -5.02 -13.94 9.20
CA GLY B 345 -3.90 -14.36 10.02
C GLY B 345 -4.29 -15.41 11.03
N ASN B 346 -3.90 -15.18 12.28
CA ASN B 346 -4.14 -16.15 13.34
C ASN B 346 -5.53 -15.96 13.95
N GLY B 347 -6.55 -15.98 13.11
CA GLY B 347 -7.92 -15.84 13.58
C GLY B 347 -8.22 -14.52 14.25
N GLU B 348 -7.78 -13.42 13.66
CA GLU B 348 -7.98 -12.09 14.21
C GLU B 348 -8.92 -11.29 13.33
N THR B 349 -9.56 -10.29 13.94
CA THR B 349 -10.53 -9.47 13.23
C THR B 349 -9.85 -8.66 12.13
N ALA B 350 -10.53 -8.53 11.00
CA ALA B 350 -10.05 -7.73 9.90
C ALA B 350 -10.61 -6.31 10.05
N ILE B 351 -9.72 -5.34 10.23
CA ILE B 351 -10.14 -3.95 10.35
C ILE B 351 -10.87 -3.51 9.10
N PHE B 352 -10.42 -3.97 7.95
CA PHE B 352 -11.03 -3.70 6.65
C PHE B 352 -11.19 -5.00 5.91
N PRO B 353 -12.14 -5.08 4.96
CA PRO B 353 -13.07 -4.02 4.50
C PRO B 353 -14.33 -3.93 5.33
N ILE B 354 -15.13 -2.88 5.09
CA ILE B 354 -16.43 -2.71 5.73
C ILE B 354 -17.47 -3.46 4.90
N GLN B 355 -18.32 -4.24 5.57
CA GLN B 355 -19.31 -5.06 4.90
C GLN B 355 -20.70 -4.63 5.33
N ILE B 356 -21.63 -4.63 4.37
CA ILE B 356 -23.01 -4.23 4.61
C ILE B 356 -23.92 -5.32 4.05
N TRP B 357 -24.90 -5.73 4.85
CA TRP B 357 -25.94 -6.64 4.39
C TRP B 357 -27.20 -5.85 4.07
N LYS B 358 -27.84 -6.17 2.96
CA LYS B 358 -29.00 -5.44 2.48
C LYS B 358 -30.27 -6.25 2.81
N LYS B 359 -31.21 -5.60 3.49
CA LYS B 359 -32.44 -6.24 3.95
C LYS B 359 -33.63 -5.76 3.13
N LYS B 360 -34.40 -6.72 2.62
CA LYS B 360 -35.62 -6.40 1.89
C LYS B 360 -36.67 -7.47 2.18
N ARG B 361 -37.92 -7.04 2.29
CA ARG B 361 -39.02 -7.96 2.57
C ARG B 361 -39.44 -8.65 1.27
N GLY B 362 -39.66 -9.96 1.34
CA GLY B 362 -40.00 -10.74 0.19
C GLY B 362 -38.83 -11.34 -0.56
N VAL B 363 -37.59 -10.98 -0.19
CA VAL B 363 -36.39 -11.54 -0.78
C VAL B 363 -35.53 -12.26 0.25
N ASN B 364 -35.31 -11.63 1.40
CA ASN B 364 -34.49 -12.21 2.46
C ASN B 364 -35.09 -12.11 3.85
N TYR B 365 -36.13 -11.28 4.06
CA TYR B 365 -36.56 -10.94 5.40
C TYR B 365 -37.48 -11.99 6.00
N LEU B 366 -38.51 -12.39 5.26
CA LEU B 366 -39.51 -13.31 5.79
C LEU B 366 -38.99 -14.74 5.85
N PRO B 367 -39.53 -15.57 6.75
CA PRO B 367 -39.11 -16.97 6.79
C PRO B 367 -39.33 -17.73 5.49
N GLU B 368 -40.37 -17.36 4.72
CA GLU B 368 -40.61 -17.99 3.45
C GLU B 368 -39.59 -17.59 2.39
N ASP B 369 -38.89 -16.47 2.59
CA ASP B 369 -37.92 -15.99 1.62
C ASP B 369 -36.75 -16.96 1.50
N ARG B 370 -36.17 -17.02 0.30
CA ARG B 370 -35.17 -18.04 0.01
C ARG B 370 -33.89 -17.82 0.80
N ASN B 371 -33.37 -16.60 0.79
CA ASN B 371 -32.10 -16.30 1.46
C ASN B 371 -32.26 -16.06 2.95
N TYR B 372 -33.36 -16.51 3.55
CA TYR B 372 -33.58 -16.31 4.98
C TYR B 372 -32.51 -17.01 5.80
N ASP B 373 -32.07 -18.19 5.35
CA ASP B 373 -31.03 -18.92 6.07
C ASP B 373 -29.72 -18.14 6.08
N LEU B 374 -29.34 -17.56 4.95
CA LEU B 374 -28.16 -16.71 4.91
C LEU B 374 -28.40 -15.41 5.67
N TYR B 375 -29.66 -14.95 5.71
CA TYR B 375 -30.02 -13.77 6.48
C TYR B 375 -29.70 -13.98 7.96
N LYS B 376 -30.01 -15.17 8.48
CA LYS B 376 -29.74 -15.47 9.88
C LYS B 376 -28.23 -15.54 10.14
N LEU B 377 -27.47 -15.99 9.15
CA LEU B 377 -26.02 -16.12 9.33
C LEU B 377 -25.34 -14.76 9.39
N ALA B 378 -25.85 -13.77 8.64
CA ALA B 378 -25.24 -12.45 8.66
C ALA B 378 -25.32 -11.81 10.03
N CYS B 379 -26.42 -12.04 10.75
CA CYS B 379 -26.53 -11.54 12.12
C CYS B 379 -25.55 -12.24 13.03
N LYS B 380 -25.18 -13.48 12.71
CA LYS B 380 -24.21 -14.22 13.52
C LYS B 380 -22.82 -13.61 13.44
N VAL B 381 -22.47 -13.04 12.28
CA VAL B 381 -21.13 -12.50 12.09
C VAL B 381 -21.03 -11.07 12.63
N THR B 382 -22.07 -10.25 12.41
CA THR B 382 -22.01 -8.86 12.85
C THR B 382 -22.04 -8.73 14.36
N ALA B 383 -22.50 -9.75 15.08
CA ALA B 383 -22.40 -9.76 16.53
C ALA B 383 -21.01 -10.13 17.01
N ARG B 384 -20.19 -10.75 16.15
CA ARG B 384 -18.88 -11.24 16.54
C ARG B 384 -17.72 -10.52 15.85
N ARG B 385 -17.95 -9.96 14.66
CA ARG B 385 -16.90 -9.21 13.96
C ARG B 385 -17.39 -7.85 13.49
N PHE B 386 -18.52 -7.37 14.04
CA PHE B 386 -19.04 -6.04 13.77
C PHE B 386 -19.33 -5.81 12.29
N PHE B 387 -19.48 -6.88 11.52
CA PHE B 387 -19.83 -6.80 10.11
C PHE B 387 -20.62 -8.05 9.75
N PRO B 388 -21.56 -7.96 8.81
CA PRO B 388 -21.92 -6.79 8.01
C PRO B 388 -22.82 -5.78 8.72
N ASN B 389 -22.84 -4.53 8.25
CA ASN B 389 -23.82 -3.57 8.69
C ASN B 389 -25.16 -3.85 7.99
N PHE B 390 -26.22 -3.26 8.54
CA PHE B 390 -27.57 -3.47 8.02
C PHE B 390 -28.13 -2.17 7.49
N LEU B 391 -28.57 -2.19 6.24
CA LEU B 391 -29.16 -1.05 5.57
C LEU B 391 -30.55 -1.41 5.10
N ASN B 392 -31.54 -0.62 5.50
CA ASN B 392 -32.94 -0.94 5.21
C ASN B 392 -33.30 -0.47 3.80
N LEU B 393 -33.72 -1.40 2.96
CA LEU B 393 -34.19 -1.07 1.61
C LEU B 393 -35.69 -0.80 1.57
N ASP B 394 -36.41 -1.04 2.66
CA ASP B 394 -37.85 -0.83 2.72
C ASP B 394 -38.23 0.55 3.23
N ALA B 395 -37.27 1.38 3.61
CA ALA B 395 -37.57 2.72 4.09
C ALA B 395 -38.18 3.55 2.97
N THR B 396 -38.99 4.53 3.36
CA THR B 396 -39.72 5.34 2.38
C THR B 396 -38.75 6.06 1.44
N PHE B 397 -37.67 6.60 1.98
CA PHE B 397 -36.69 7.30 1.16
C PHE B 397 -35.67 6.37 0.52
N ASN B 398 -35.75 5.07 0.79
CA ASN B 398 -34.88 4.09 0.14
C ASN B 398 -35.61 3.22 -0.87
N GLN B 399 -36.93 3.30 -0.96
CA GLN B 399 -37.67 2.53 -1.94
C GLN B 399 -37.42 3.02 -3.35
N ASN B 400 -37.46 2.10 -4.31
CA ASN B 400 -37.28 2.41 -5.72
C ASN B 400 -38.39 1.77 -6.53
N GLU B 401 -38.90 2.50 -7.51
CA GLU B 401 -40.02 2.04 -8.33
C GLU B 401 -39.59 1.34 -9.61
N LYS B 402 -38.29 1.24 -9.87
CA LYS B 402 -37.78 0.55 -11.06
C LYS B 402 -37.16 -0.79 -10.71
N TRP B 403 -37.65 -1.46 -9.67
CA TRP B 403 -37.13 -2.74 -9.22
C TRP B 403 -38.12 -3.84 -9.57
N ARG B 404 -37.66 -4.86 -10.28
CA ARG B 404 -38.49 -5.98 -10.71
C ARG B 404 -37.82 -7.29 -10.35
N ALA B 405 -38.60 -8.22 -9.80
CA ALA B 405 -38.06 -9.53 -9.42
C ALA B 405 -37.87 -10.45 -10.63
N ASP B 406 -38.57 -10.18 -11.73
CA ASP B 406 -38.40 -10.99 -12.93
C ASP B 406 -36.97 -10.91 -13.46
N ASP B 407 -36.41 -9.72 -13.48
CA ASP B 407 -35.00 -9.55 -13.76
C ASP B 407 -34.19 -10.12 -12.59
N PRO B 408 -32.89 -10.40 -12.79
CA PRO B 408 -32.10 -10.96 -11.69
C PRO B 408 -31.92 -9.98 -10.54
N GLU B 409 -33.03 -9.58 -9.93
CA GLU B 409 -33.08 -8.68 -8.78
C GLU B 409 -32.65 -7.27 -9.15
N ARG B 410 -32.19 -7.08 -10.38
CA ARG B 410 -31.84 -5.77 -10.93
C ARG B 410 -30.90 -5.01 -9.99
N TYR B 411 -29.67 -5.51 -9.90
CA TYR B 411 -28.70 -5.02 -8.94
C TYR B 411 -28.15 -3.66 -9.34
N LYS B 412 -29.07 -2.73 -9.61
CA LYS B 412 -28.73 -1.35 -9.94
C LYS B 412 -29.58 -0.34 -9.19
N TRP B 413 -30.74 -0.76 -8.65
CA TRP B 413 -31.64 0.10 -7.91
C TRP B 413 -31.62 -0.21 -6.42
N GLU B 414 -30.63 -0.96 -5.96
CA GLU B 414 -30.46 -1.27 -4.55
C GLU B 414 -29.51 -0.25 -3.94
N ILE B 415 -29.95 0.40 -2.86
CA ILE B 415 -29.13 1.42 -2.21
C ILE B 415 -27.94 0.76 -1.53
N ALA B 416 -26.76 1.34 -1.75
CA ALA B 416 -25.53 0.90 -1.10
C ALA B 416 -24.89 2.08 -0.38
N THR B 417 -24.18 1.79 0.70
CA THR B 417 -23.55 2.81 1.52
C THR B 417 -22.03 2.69 1.44
N MET B 418 -21.36 3.83 1.31
CA MET B 418 -19.91 3.88 1.23
C MET B 418 -19.32 3.78 2.64
N GLY B 419 -18.03 4.09 2.75
CA GLY B 419 -17.39 4.10 4.05
C GLY B 419 -17.98 5.16 4.96
N CYS B 420 -17.78 4.95 6.26
CA CYS B 420 -18.32 5.82 7.31
C CYS B 420 -19.84 5.80 7.29
N ARG B 421 -20.46 6.93 6.92
CA ARG B 421 -21.91 7.01 6.88
C ARG B 421 -22.44 7.79 5.68
N THR B 422 -21.64 7.96 4.64
CA THR B 422 -22.09 8.72 3.47
C THR B 422 -23.02 7.87 2.62
N ARG B 423 -24.10 8.48 2.15
CA ARG B 423 -25.03 7.84 1.22
C ARG B 423 -25.35 8.80 0.08
N VAL B 424 -25.35 8.28 -1.14
CA VAL B 424 -25.68 9.04 -2.34
C VAL B 424 -26.77 8.25 -3.07
N PHE B 425 -28.03 8.58 -2.81
CA PHE B 425 -29.15 7.86 -3.39
C PHE B 425 -30.01 8.73 -4.29
N GLU B 426 -30.45 9.89 -3.82
CA GLU B 426 -31.30 10.76 -4.62
C GLU B 426 -30.47 11.60 -5.57
N ASP B 427 -31.15 12.18 -6.56
CA ASP B 427 -30.49 13.03 -7.54
C ASP B 427 -31.57 13.80 -8.30
N ARG B 428 -31.29 15.08 -8.56
CA ARG B 428 -32.22 15.92 -9.30
C ARG B 428 -31.99 15.93 -10.80
N TRP B 429 -30.85 15.38 -11.26
CA TRP B 429 -30.53 15.34 -12.68
C TRP B 429 -30.01 13.97 -13.09
N GLY B 430 -30.46 12.92 -12.40
CA GLY B 430 -29.98 11.58 -12.70
C GLY B 430 -30.85 10.55 -12.03
N GLU B 431 -30.50 9.28 -12.27
CA GLU B 431 -31.26 8.17 -11.74
C GLU B 431 -31.04 8.04 -10.22
N LYS B 432 -32.02 7.43 -9.56
CA LYS B 432 -31.94 7.20 -8.12
C LYS B 432 -31.17 5.90 -7.86
N THR B 433 -29.86 5.98 -8.09
CA THR B 433 -28.97 4.83 -7.92
C THR B 433 -27.72 5.27 -7.19
N SER B 434 -27.10 4.31 -6.51
CA SER B 434 -25.84 4.52 -5.80
C SER B 434 -24.70 3.78 -6.50
N ILE B 435 -24.69 3.80 -7.83
CA ILE B 435 -23.69 3.11 -8.63
C ILE B 435 -22.73 4.16 -9.21
N ALA B 436 -21.46 4.05 -8.84
CA ALA B 436 -20.38 4.89 -9.38
C ALA B 436 -20.64 6.37 -9.13
N ARG B 437 -20.76 6.72 -7.84
CA ARG B 437 -20.89 8.11 -7.44
C ARG B 437 -20.57 8.21 -5.95
N GLY B 438 -20.25 9.43 -5.52
CA GLY B 438 -19.83 9.63 -4.14
C GLY B 438 -19.91 11.09 -3.71
N ASN B 439 -19.17 11.39 -2.64
CA ASN B 439 -19.17 12.69 -1.99
C ASN B 439 -18.07 13.57 -2.56
N LEU B 440 -18.25 14.89 -2.41
CA LEU B 440 -17.29 15.88 -2.88
C LEU B 440 -16.62 16.63 -1.73
N SER B 441 -17.40 17.27 -0.88
CA SER B 441 -16.86 18.03 0.25
C SER B 441 -17.98 18.27 1.25
N PHE B 442 -17.58 18.59 2.48
CA PHE B 442 -18.55 18.89 3.53
C PHE B 442 -17.87 19.66 4.65
N SER B 443 -18.66 20.51 5.32
CA SER B 443 -18.17 21.35 6.40
C SER B 443 -19.17 21.35 7.54
N THR B 444 -18.66 21.58 8.75
CA THR B 444 -19.47 21.61 9.95
C THR B 444 -19.62 23.05 10.44
N ILE B 445 -20.75 23.33 11.08
CA ILE B 445 -21.13 24.67 11.51
C ILE B 445 -21.31 24.68 13.02
N ASN B 446 -20.70 25.65 13.69
CA ASN B 446 -20.74 25.74 15.14
C ASN B 446 -21.98 26.50 15.56
N ILE B 447 -22.82 25.88 16.39
CA ILE B 447 -24.06 26.49 16.83
C ILE B 447 -24.10 26.72 18.33
N VAL B 448 -23.25 26.06 19.12
CA VAL B 448 -23.27 26.25 20.57
C VAL B 448 -22.87 27.67 20.93
N LYS B 449 -21.92 28.24 20.20
CA LYS B 449 -21.44 29.59 20.51
C LYS B 449 -22.51 30.65 20.22
N LEU B 450 -23.35 30.40 19.22
CA LEU B 450 -24.39 31.37 18.88
C LEU B 450 -25.39 31.53 20.01
N ALA B 451 -25.79 30.42 20.65
CA ALA B 451 -26.80 30.50 21.70
C ALA B 451 -26.24 31.10 22.99
N ILE B 452 -25.02 30.70 23.38
CA ILE B 452 -24.41 31.25 24.58
C ILE B 452 -24.18 32.74 24.45
N GLU B 453 -24.05 33.24 23.22
CA GLU B 453 -23.95 34.68 23.00
C GLU B 453 -25.25 35.39 23.39
N CYS B 454 -26.39 34.77 23.09
CA CYS B 454 -27.70 35.36 23.36
C CYS B 454 -28.23 35.03 24.75
N MET B 455 -27.44 34.34 25.58
CA MET B 455 -27.93 33.88 26.88
C MET B 455 -28.18 35.04 27.86
N GLY B 456 -27.72 36.25 27.54
CA GLY B 456 -27.95 37.39 28.42
C GLY B 456 -29.32 38.03 28.30
N ILE B 457 -30.17 37.54 27.39
CA ILE B 457 -31.50 38.10 27.17
C ILE B 457 -32.51 37.23 27.90
N GLU B 458 -33.44 37.88 28.61
CA GLU B 458 -34.42 37.18 29.42
C GLU B 458 -35.78 37.03 28.73
N ASN B 459 -35.89 37.40 27.46
CA ASN B 459 -37.12 37.23 26.70
C ASN B 459 -36.94 36.03 25.76
N GLU B 460 -37.73 34.98 25.98
CA GLU B 460 -37.59 33.76 25.20
C GLU B 460 -37.88 34.00 23.72
N LYS B 461 -38.96 34.74 23.43
CA LYS B 461 -39.31 35.00 22.04
C LYS B 461 -38.24 35.83 21.33
N GLN B 462 -37.66 36.80 22.04
CA GLN B 462 -36.62 37.64 21.45
C GLN B 462 -35.37 36.84 21.13
N ARG B 463 -34.98 35.92 22.02
CA ARG B 463 -33.76 35.14 21.81
C ARG B 463 -33.86 34.31 20.54
N ILE B 464 -35.01 33.65 20.34
CA ILE B 464 -35.15 32.73 19.20
C ILE B 464 -35.15 33.50 17.88
N ASP B 465 -35.79 34.67 17.85
CA ASP B 465 -35.80 35.47 16.63
C ASP B 465 -34.40 35.93 16.26
N MET B 466 -33.61 36.35 17.25
CA MET B 466 -32.22 36.70 16.98
C MET B 466 -31.38 35.46 16.68
N PHE B 467 -31.71 34.33 17.32
CA PHE B 467 -30.99 33.10 17.05
C PHE B 467 -31.16 32.65 15.61
N PHE B 468 -32.39 32.74 15.09
CA PHE B 468 -32.62 32.42 13.69
C PHE B 468 -31.92 33.41 12.76
N ALA B 469 -31.90 34.69 13.16
CA ALA B 469 -31.24 35.70 12.34
C ALA B 469 -29.74 35.42 12.21
N LYS B 470 -29.09 35.05 13.32
CA LYS B 470 -27.68 34.67 13.24
C LYS B 470 -27.49 33.41 12.42
N LEU B 471 -28.36 32.42 12.61
CA LEU B 471 -28.21 31.14 11.93
C LEU B 471 -28.32 31.31 10.42
N ASP B 472 -29.26 32.13 9.96
CA ASP B 472 -29.43 32.36 8.53
C ASP B 472 -28.18 32.98 7.92
N ASN B 473 -27.57 33.94 8.63
CA ASN B 473 -26.33 34.55 8.13
C ASN B 473 -25.19 33.54 8.11
N ILE B 474 -25.07 32.72 9.16
CA ILE B 474 -23.98 31.76 9.22
C ILE B 474 -24.13 30.70 8.12
N LEU B 475 -25.35 30.21 7.92
CA LEU B 475 -25.56 29.20 6.88
C LEU B 475 -25.25 29.76 5.50
N ASP B 476 -25.45 31.06 5.30
CA ASP B 476 -25.09 31.69 4.03
C ASP B 476 -23.60 31.62 3.78
N ILE B 477 -22.80 31.79 4.84
CA ILE B 477 -21.34 31.73 4.70
C ILE B 477 -20.91 30.31 4.34
N THR B 478 -21.47 29.30 5.01
CA THR B 478 -21.05 27.92 4.78
C THR B 478 -21.40 27.47 3.37
N ALA B 479 -22.58 27.85 2.88
CA ALA B 479 -22.96 27.48 1.52
C ALA B 479 -21.97 28.03 0.51
N LYS B 480 -21.44 29.24 0.78
CA LYS B 480 -20.36 29.75 -0.05
C LYS B 480 -19.10 28.92 0.10
N GLN B 481 -18.79 28.48 1.33
CA GLN B 481 -17.55 27.76 1.58
C GLN B 481 -17.50 26.44 0.83
N LEU B 482 -18.60 25.69 0.84
CA LEU B 482 -18.66 24.46 0.07
C LEU B 482 -18.63 24.74 -1.43
N ASP B 483 -19.36 25.77 -1.87
CA ASP B 483 -19.31 26.17 -3.27
C ASP B 483 -17.93 26.66 -3.66
N GLU B 484 -17.29 27.45 -2.78
CA GLU B 484 -15.94 27.92 -3.09
C GLU B 484 -14.96 26.77 -3.19
N ARG B 485 -15.06 25.79 -2.28
CA ARG B 485 -14.25 24.58 -2.41
C ARG B 485 -14.66 23.79 -3.66
N PHE B 486 -15.95 23.81 -3.99
CA PHE B 486 -16.43 23.12 -5.17
C PHE B 486 -15.78 23.66 -6.43
N GLN B 487 -15.67 24.99 -6.53
CA GLN B 487 -15.07 25.60 -7.72
C GLN B 487 -13.59 25.20 -7.84
N PHE B 488 -12.95 24.88 -6.73
CA PHE B 488 -11.53 24.51 -6.75
C PHE B 488 -11.34 23.10 -7.30
N GLN B 489 -12.26 22.18 -6.99
CA GLN B 489 -12.14 20.80 -7.41
C GLN B 489 -12.58 20.57 -8.85
N LYS B 490 -13.29 21.52 -9.47
CA LYS B 490 -13.75 21.34 -10.84
C LYS B 490 -12.58 21.24 -11.81
N THR B 491 -11.58 22.10 -11.66
CA THR B 491 -10.48 22.20 -12.62
C THR B 491 -9.34 21.26 -12.22
N ALA B 492 -9.67 19.97 -12.24
CA ALA B 492 -8.69 18.92 -11.99
C ALA B 492 -8.58 18.05 -13.23
N MET B 493 -7.35 17.83 -13.69
CA MET B 493 -7.12 17.05 -14.90
C MET B 493 -7.53 15.60 -14.68
N ALA B 494 -8.16 15.01 -15.70
CA ALA B 494 -8.57 13.61 -15.60
C ALA B 494 -7.37 12.67 -15.54
N LYS B 495 -6.24 13.06 -16.12
CA LYS B 495 -5.04 12.25 -16.02
C LYS B 495 -4.48 12.22 -14.61
N GLN B 496 -4.92 13.14 -13.73
CA GLN B 496 -4.57 13.05 -12.32
C GLN B 496 -5.32 11.93 -11.61
N PHE B 497 -6.38 11.42 -12.21
CA PHE B 497 -7.18 10.32 -11.67
C PHE B 497 -7.28 9.25 -12.74
N PRO B 498 -6.22 8.43 -12.91
CA PRO B 498 -6.20 7.47 -14.02
C PRO B 498 -7.29 6.40 -13.94
N LEU B 499 -7.36 5.68 -12.82
CA LEU B 499 -8.33 4.60 -12.69
C LEU B 499 -9.74 5.13 -12.46
N LEU B 500 -9.87 6.22 -11.70
CA LEU B 500 -11.18 6.75 -11.36
C LEU B 500 -11.93 7.26 -12.58
N MET B 501 -11.23 7.94 -13.49
CA MET B 501 -11.86 8.58 -14.63
C MET B 501 -11.77 7.74 -15.90
N LYS B 502 -11.58 6.44 -15.78
CA LYS B 502 -11.57 5.56 -16.94
C LYS B 502 -12.52 4.38 -16.82
N TYR B 503 -12.72 3.86 -15.61
CA TYR B 503 -13.61 2.72 -15.42
C TYR B 503 -14.65 2.91 -14.32
N LEU B 504 -14.31 3.60 -13.23
CA LEU B 504 -15.08 3.52 -12.01
C LEU B 504 -16.06 4.67 -11.80
N TRP B 505 -16.08 5.68 -12.65
CA TRP B 505 -16.97 6.81 -12.47
C TRP B 505 -18.03 6.83 -13.57
N VAL B 506 -19.24 7.25 -13.19
CA VAL B 506 -20.38 7.21 -14.10
C VAL B 506 -20.12 8.11 -15.29
N GLY B 507 -20.20 7.53 -16.50
CA GLY B 507 -20.00 8.30 -17.70
C GLY B 507 -18.61 8.84 -17.89
N ALA B 508 -17.65 8.34 -17.12
CA ALA B 508 -16.26 8.79 -17.23
C ALA B 508 -15.48 8.07 -18.31
N GLU B 509 -16.11 7.12 -19.00
CA GLU B 509 -15.46 6.42 -20.10
C GLU B 509 -15.52 7.20 -21.40
N ASN B 510 -16.00 8.44 -21.38
CA ASN B 510 -16.11 9.26 -22.57
C ASN B 510 -15.18 10.48 -22.54
N LEU B 511 -14.25 10.54 -21.59
CA LEU B 511 -13.38 11.69 -21.42
C LEU B 511 -11.92 11.27 -21.56
N LYS B 512 -11.16 12.07 -22.31
CA LYS B 512 -9.75 11.83 -22.55
C LYS B 512 -8.92 12.24 -21.34
N PRO B 513 -7.67 11.77 -21.25
CA PRO B 513 -6.87 12.07 -20.05
C PRO B 513 -6.65 13.55 -19.78
N GLU B 514 -6.56 14.38 -20.81
CA GLU B 514 -6.29 15.80 -20.63
C GLU B 514 -7.54 16.64 -20.40
N GLU B 515 -8.72 16.03 -20.40
CA GLU B 515 -9.95 16.77 -20.25
C GLU B 515 -10.22 17.10 -18.78
N THR B 516 -11.14 18.03 -18.57
CA THR B 516 -11.56 18.42 -17.24
C THR B 516 -12.70 17.53 -16.75
N ILE B 517 -12.76 17.35 -15.43
CA ILE B 517 -13.75 16.46 -14.83
C ILE B 517 -15.02 17.22 -14.41
N GLU B 518 -15.19 18.45 -14.89
CA GLU B 518 -16.35 19.24 -14.47
C GLU B 518 -17.63 18.77 -15.17
N SER B 519 -17.50 18.09 -16.31
CA SER B 519 -18.68 17.69 -17.08
C SER B 519 -19.47 16.59 -16.39
N VAL B 520 -18.87 15.87 -15.43
CA VAL B 520 -19.53 14.77 -14.75
C VAL B 520 -19.40 14.88 -13.24
N ILE B 521 -18.80 15.95 -12.73
CA ILE B 521 -18.57 16.07 -11.29
C ILE B 521 -19.84 16.41 -10.53
N ASN B 522 -20.87 16.93 -11.20
CA ASN B 522 -22.06 17.42 -10.51
C ASN B 522 -22.88 16.31 -9.86
N HIS B 523 -22.63 15.05 -10.19
CA HIS B 523 -23.38 13.95 -9.59
C HIS B 523 -23.07 13.78 -8.12
N GLY B 524 -22.01 14.39 -7.61
CA GLY B 524 -21.70 14.31 -6.20
C GLY B 524 -22.59 15.19 -5.35
N THR B 525 -22.53 14.97 -4.04
CA THR B 525 -23.36 15.67 -3.07
C THR B 525 -22.50 16.55 -2.17
N LEU B 526 -23.04 17.70 -1.78
CA LEU B 526 -22.39 18.62 -0.85
C LEU B 526 -23.12 18.55 0.48
N GLY B 527 -22.35 18.33 1.56
CA GLY B 527 -22.93 18.13 2.87
C GLY B 527 -22.70 19.32 3.80
N ILE B 528 -23.77 19.71 4.48
CA ILE B 528 -23.72 20.74 5.52
C ILE B 528 -23.94 20.05 6.86
N GLY B 529 -22.99 20.24 7.79
CA GLY B 529 -22.98 19.54 9.04
C GLY B 529 -23.19 20.45 10.23
N PHE B 530 -23.38 19.83 11.39
CA PHE B 530 -23.56 20.54 12.64
C PHE B 530 -23.05 19.66 13.77
N ILE B 531 -22.84 20.28 14.94
CA ILE B 531 -22.35 19.56 16.09
C ILE B 531 -22.94 20.17 17.35
N GLY B 532 -23.19 19.32 18.34
CA GLY B 532 -23.71 19.77 19.62
C GLY B 532 -25.11 20.35 19.59
N LEU B 533 -26.01 19.73 18.82
CA LEU B 533 -27.39 20.21 18.76
C LEU B 533 -28.07 20.06 20.10
N ALA B 534 -27.81 18.95 20.81
CA ALA B 534 -28.42 18.75 22.12
C ALA B 534 -28.01 19.84 23.10
N GLU B 535 -26.74 20.25 23.05
CA GLU B 535 -26.23 21.32 23.91
C GLU B 535 -26.14 22.65 23.19
N CYS B 536 -26.76 22.78 22.02
CA CYS B 536 -26.77 24.05 21.30
C CYS B 536 -27.57 25.08 22.08
N LEU B 537 -28.87 24.83 22.26
CA LEU B 537 -29.73 25.69 23.05
C LEU B 537 -30.68 24.94 23.97
N VAL B 538 -30.97 23.67 23.68
CA VAL B 538 -31.91 22.92 24.52
C VAL B 538 -31.29 22.64 25.88
N ALA B 539 -30.02 22.24 25.91
CA ALA B 539 -29.33 22.06 27.18
C ALA B 539 -29.03 23.37 27.89
N LEU B 540 -29.24 24.51 27.21
CA LEU B 540 -29.21 25.80 27.85
C LEU B 540 -30.59 26.20 28.40
N ILE B 541 -31.63 25.97 27.61
CA ILE B 541 -33.01 26.26 28.05
C ILE B 541 -33.51 24.99 28.72
N GLY B 542 -33.18 24.83 30.00
CA GLY B 542 -33.60 23.67 30.74
C GLY B 542 -32.78 22.43 30.43
N LYS B 543 -33.36 21.49 29.69
CA LYS B 543 -32.70 20.23 29.38
C LYS B 543 -32.75 19.96 27.89
N HIS B 544 -31.78 19.17 27.42
CA HIS B 544 -31.68 18.81 26.02
C HIS B 544 -32.85 17.93 25.59
N HIS B 545 -33.00 17.76 24.28
CA HIS B 545 -33.99 16.83 23.76
C HIS B 545 -33.59 15.40 24.10
N GLY B 546 -34.57 14.61 24.54
CA GLY B 546 -34.33 13.24 24.92
C GLY B 546 -34.20 13.00 26.41
N GLU B 547 -34.25 14.04 27.22
CA GLU B 547 -34.17 13.89 28.68
C GLU B 547 -35.54 13.70 29.30
N SER B 548 -36.31 12.77 28.73
CA SER B 548 -37.66 12.42 29.22
C SER B 548 -38.53 13.66 29.42
N GLU B 549 -38.52 14.55 28.42
CA GLU B 549 -39.30 15.77 28.49
C GLU B 549 -39.88 16.05 27.11
N LYS B 550 -40.54 17.20 26.95
CA LYS B 550 -41.15 17.61 25.70
C LYS B 550 -40.35 18.70 24.98
N ALA B 551 -39.03 18.74 25.16
CA ALA B 551 -38.22 19.78 24.54
C ALA B 551 -37.77 19.44 23.12
N GLN B 552 -38.20 18.30 22.58
CA GLN B 552 -37.80 17.92 21.23
C GLN B 552 -38.43 18.79 20.16
N GLU B 553 -39.54 19.46 20.47
CA GLU B 553 -40.19 20.32 19.49
C GLU B 553 -39.26 21.45 19.03
N LEU B 554 -38.55 22.06 19.97
CA LEU B 554 -37.57 23.09 19.60
C LEU B 554 -36.39 22.48 18.86
N GLY B 555 -35.92 21.32 19.30
CA GLY B 555 -34.81 20.66 18.62
C GLY B 555 -35.16 20.26 17.20
N LEU B 556 -36.38 19.76 17.00
CA LEU B 556 -36.83 19.40 15.66
C LEU B 556 -36.95 20.63 14.77
N LYS B 557 -37.40 21.75 15.33
CA LYS B 557 -37.57 22.95 14.53
C LYS B 557 -36.25 23.48 13.99
N ILE B 558 -35.19 23.42 14.80
CA ILE B 558 -33.89 23.94 14.38
C ILE B 558 -33.34 23.12 13.22
N ILE B 559 -33.38 21.80 13.34
CA ILE B 559 -32.90 20.93 12.26
C ILE B 559 -33.76 21.08 11.02
N THR B 560 -35.09 21.11 11.20
CA THR B 560 -35.98 21.31 10.06
C THR B 560 -35.76 22.67 9.41
N TYR B 561 -35.43 23.69 10.20
CA TYR B 561 -35.13 25.00 9.64
C TYR B 561 -33.92 24.95 8.73
N MET B 562 -32.87 24.24 9.15
CA MET B 562 -31.74 24.01 8.26
C MET B 562 -32.13 23.14 7.07
N ARG B 563 -33.01 22.16 7.31
CA ARG B 563 -33.45 21.28 6.23
C ARG B 563 -34.18 22.07 5.14
N ASP B 564 -35.08 22.97 5.53
CA ASP B 564 -35.72 23.84 4.56
C ASP B 564 -34.71 24.80 3.93
N ARG B 565 -33.77 25.30 4.74
CA ARG B 565 -32.75 26.21 4.21
C ARG B 565 -31.78 25.48 3.29
N ALA B 566 -31.46 24.22 3.61
CA ALA B 566 -30.59 23.44 2.74
C ALA B 566 -31.23 23.25 1.36
N ASN B 567 -32.54 22.99 1.33
CA ASN B 567 -33.24 22.88 0.06
C ASN B 567 -33.25 24.21 -0.69
N GLU B 568 -33.29 25.33 0.05
CA GLU B 568 -33.27 26.64 -0.59
C GLU B 568 -31.94 26.87 -1.31
N PHE B 569 -30.84 26.49 -0.68
CA PHE B 569 -29.53 26.62 -1.34
C PHE B 569 -29.45 25.70 -2.54
N SER B 570 -30.08 24.53 -2.47
CA SER B 570 -30.10 23.62 -3.61
C SER B 570 -30.75 24.25 -4.83
N GLU B 571 -31.85 24.97 -4.63
CA GLU B 571 -32.50 25.66 -5.73
C GLU B 571 -31.77 26.94 -6.10
N GLN B 572 -30.87 27.42 -5.25
CA GLN B 572 -30.18 28.70 -5.48
C GLN B 572 -28.88 28.50 -6.27
N TYR B 573 -27.96 27.70 -5.74
CA TYR B 573 -26.66 27.51 -6.35
C TYR B 573 -26.64 26.41 -7.41
N HIS B 574 -27.79 25.80 -7.71
CA HIS B 574 -27.90 24.72 -8.69
C HIS B 574 -27.00 23.54 -8.31
N HIS B 575 -26.92 23.25 -7.02
CA HIS B 575 -26.18 22.10 -6.50
C HIS B 575 -27.17 21.18 -5.79
N ASN B 576 -26.62 20.15 -5.15
CA ASN B 576 -27.42 19.16 -4.43
C ASN B 576 -26.90 19.08 -2.99
N TYR B 577 -27.42 19.96 -2.14
CA TYR B 577 -27.04 19.97 -0.73
C TYR B 577 -27.87 18.95 0.06
N SER B 578 -27.24 18.37 1.06
CA SER B 578 -27.90 17.44 1.95
C SER B 578 -27.23 17.50 3.32
N ILE B 579 -28.05 17.58 4.35
CA ILE B 579 -27.55 17.68 5.72
C ILE B 579 -27.14 16.29 6.18
N LEU B 580 -25.95 16.18 6.77
CA LEU B 580 -25.44 14.91 7.26
C LEU B 580 -25.01 15.06 8.71
N ALA B 581 -25.22 14.01 9.49
CA ALA B 581 -24.71 13.95 10.85
C ALA B 581 -23.20 13.78 10.80
N THR B 582 -22.47 14.85 11.08
CA THR B 582 -21.03 14.86 10.91
C THR B 582 -20.37 13.92 11.91
N PRO B 583 -19.47 13.03 11.46
CA PRO B 583 -18.71 12.22 12.41
C PRO B 583 -17.79 13.08 13.26
N ALA B 584 -17.55 12.63 14.49
CA ALA B 584 -16.74 13.37 15.45
C ALA B 584 -15.50 12.55 15.78
N GLU B 585 -14.41 12.81 15.04
CA GLU B 585 -13.11 12.20 15.32
C GLU B 585 -12.06 13.21 15.71
N GLY B 586 -11.86 14.26 14.91
CA GLY B 586 -10.90 15.29 15.23
C GLY B 586 -11.56 16.60 15.61
N LEU B 587 -12.73 16.86 15.03
CA LEU B 587 -13.51 18.04 15.40
C LEU B 587 -14.17 17.89 16.76
N SER B 588 -14.14 16.70 17.35
CA SER B 588 -14.63 16.48 18.70
C SER B 588 -13.56 16.97 19.67
N GLY B 589 -13.71 18.21 20.16
CA GLY B 589 -12.76 18.76 21.10
C GLY B 589 -11.96 19.92 20.55
N LYS B 590 -12.42 20.52 19.47
CA LYS B 590 -11.73 21.65 18.85
C LYS B 590 -12.47 22.97 19.06
N PHE B 591 -13.77 23.01 18.77
CA PHE B 591 -14.54 24.24 19.01
C PHE B 591 -14.60 24.57 20.49
N THR B 592 -14.69 23.55 21.35
CA THR B 592 -15.01 23.76 22.75
C THR B 592 -13.92 24.53 23.48
N LYS B 593 -12.65 24.22 23.20
CA LYS B 593 -11.56 24.82 23.95
C LYS B 593 -11.47 26.33 23.71
N LYS B 594 -11.69 26.75 22.46
CA LYS B 594 -11.65 28.18 22.15
C LYS B 594 -12.79 28.93 22.82
N ASP B 595 -13.98 28.32 22.86
CA ASP B 595 -15.12 28.96 23.52
C ASP B 595 -14.88 29.10 25.02
N ARG B 596 -14.27 28.09 25.65
CA ARG B 596 -13.95 28.20 27.07
C ARG B 596 -13.00 29.34 27.34
N LYS B 597 -11.98 29.51 26.48
CA LYS B 597 -11.06 30.63 26.63
C LYS B 597 -11.77 31.97 26.43
N GLN B 598 -12.67 32.04 25.45
CA GLN B 598 -13.35 33.30 25.13
C GLN B 598 -14.44 33.63 26.14
N PHE B 599 -15.17 32.62 26.63
CA PHE B 599 -16.30 32.84 27.52
C PHE B 599 -16.05 32.30 28.93
N GLY B 600 -15.71 31.03 29.07
CA GLY B 600 -15.45 30.45 30.37
C GLY B 600 -16.18 29.14 30.54
N VAL B 601 -16.09 28.60 31.76
CA VAL B 601 -16.67 27.31 32.08
C VAL B 601 -18.13 27.52 32.49
N ILE B 602 -19.05 27.13 31.62
CA ILE B 602 -20.48 27.20 31.88
C ILE B 602 -21.07 25.80 31.74
N PRO B 603 -21.79 25.29 32.75
CA PRO B 603 -22.33 23.93 32.64
C PRO B 603 -23.30 23.82 31.47
N GLY B 604 -23.22 22.68 30.78
CA GLY B 604 -24.02 22.47 29.58
C GLY B 604 -23.35 22.97 28.33
N VAL B 605 -23.08 24.28 28.28
CA VAL B 605 -22.43 24.86 27.10
C VAL B 605 -21.02 24.31 26.95
N THR B 606 -20.25 24.34 28.03
CA THR B 606 -18.87 23.85 28.02
C THR B 606 -18.66 23.02 29.29
N ASP B 607 -17.40 22.71 29.59
CA ASP B 607 -16.97 21.78 30.63
C ASP B 607 -17.33 20.34 30.31
N ARG B 608 -18.04 20.10 29.21
CA ARG B 608 -18.26 18.75 28.69
C ARG B 608 -17.22 18.36 27.65
N ASP B 609 -16.37 19.29 27.23
CA ASP B 609 -15.28 19.03 26.30
C ASP B 609 -15.77 18.50 24.97
N TYR B 610 -15.81 17.18 24.82
CA TYR B 610 -15.99 16.54 23.51
C TYR B 610 -17.27 16.96 22.79
N TYR B 611 -18.29 17.40 23.52
CA TYR B 611 -19.58 17.79 22.96
C TYR B 611 -20.34 16.58 22.41
N THR B 612 -21.66 16.70 22.26
CA THR B 612 -22.47 15.60 21.77
C THR B 612 -22.42 15.53 20.25
N ASN B 613 -22.47 14.32 19.72
CA ASN B 613 -22.47 14.11 18.29
C ASN B 613 -23.75 14.65 17.67
N SER B 614 -23.69 14.92 16.36
CA SER B 614 -24.80 15.58 15.67
C SER B 614 -26.08 14.73 15.73
N ASN B 615 -27.18 15.37 16.11
CA ASN B 615 -28.52 14.79 16.10
C ASN B 615 -28.66 13.61 17.04
N HIS B 616 -27.60 13.26 17.74
CA HIS B 616 -27.62 12.11 18.64
C HIS B 616 -27.99 12.57 20.05
N VAL B 617 -28.57 11.66 20.81
CA VAL B 617 -28.87 11.92 22.22
C VAL B 617 -27.53 12.07 22.92
N PRO B 618 -27.45 12.84 24.01
CA PRO B 618 -26.18 12.97 24.74
C PRO B 618 -25.59 11.62 25.12
N VAL B 619 -24.38 11.35 24.62
CA VAL B 619 -23.74 10.06 24.84
C VAL B 619 -23.49 9.80 26.33
N TYR B 620 -23.59 10.84 27.16
CA TYR B 620 -23.47 10.71 28.61
C TYR B 620 -24.81 10.58 29.31
N TYR B 621 -25.90 10.51 28.56
CA TYR B 621 -27.25 10.42 29.13
C TYR B 621 -27.84 9.05 28.85
N LYS B 622 -28.56 8.51 29.83
CA LYS B 622 -29.10 7.16 29.74
C LYS B 622 -30.42 7.14 28.99
N CYS B 623 -30.57 6.14 28.11
CA CYS B 623 -31.81 5.91 27.40
C CYS B 623 -31.84 4.47 26.91
N THR B 624 -33.05 3.96 26.69
CA THR B 624 -33.22 2.62 26.14
C THR B 624 -33.03 2.65 24.63
N ALA B 625 -32.84 1.46 24.05
CA ALA B 625 -32.65 1.37 22.61
C ALA B 625 -33.90 1.82 21.86
N LEU B 626 -35.07 1.43 22.34
CA LEU B 626 -36.32 1.80 21.66
C LEU B 626 -36.56 3.31 21.74
N LYS B 627 -36.42 3.89 22.93
CA LYS B 627 -36.64 5.32 23.08
C LYS B 627 -35.61 6.13 22.31
N LYS B 628 -34.35 5.69 22.31
CA LYS B 628 -33.33 6.34 21.50
C LYS B 628 -33.67 6.27 20.02
N ALA B 629 -34.26 5.15 19.59
CA ALA B 629 -34.68 5.01 18.20
C ALA B 629 -35.82 5.97 17.87
N GLN B 630 -36.80 6.09 18.77
CA GLN B 630 -37.96 6.93 18.49
C GLN B 630 -37.57 8.40 18.36
N ILE B 631 -36.69 8.88 19.22
CA ILE B 631 -36.31 10.30 19.20
C ILE B 631 -35.49 10.62 17.96
N GLU B 632 -34.57 9.72 17.59
CA GLU B 632 -33.68 9.97 16.47
C GLU B 632 -34.24 9.52 15.13
N ALA B 633 -35.36 8.79 15.12
CA ALA B 633 -35.93 8.33 13.85
C ALA B 633 -36.35 9.48 12.94
N PRO B 634 -37.10 10.49 13.39
CA PRO B 634 -37.48 11.57 12.46
C PRO B 634 -36.30 12.35 11.92
N TYR B 635 -35.14 12.32 12.58
CA TYR B 635 -33.98 13.04 12.07
C TYR B 635 -33.38 12.34 10.86
N HIS B 636 -33.53 11.01 10.75
CA HIS B 636 -32.99 10.29 9.60
C HIS B 636 -33.63 10.76 8.30
N ASP B 637 -34.94 11.01 8.33
CA ASP B 637 -35.61 11.54 7.14
C ASP B 637 -35.17 12.97 6.86
N LEU B 638 -34.82 13.74 7.88
CA LEU B 638 -34.39 15.11 7.69
C LEU B 638 -32.95 15.22 7.19
N THR B 639 -32.12 14.21 7.44
CA THR B 639 -30.72 14.22 7.02
C THR B 639 -30.55 13.22 5.88
N ARG B 640 -30.84 13.66 4.66
CA ARG B 640 -30.68 12.81 3.48
C ARG B 640 -29.31 12.99 2.85
N GLY B 641 -28.26 12.90 3.66
CA GLY B 641 -26.91 13.04 3.16
C GLY B 641 -25.95 12.21 3.98
N GLY B 642 -26.49 11.42 4.89
CA GLY B 642 -25.68 10.62 5.78
C GLY B 642 -26.21 10.62 7.19
N HIS B 643 -26.40 9.42 7.74
CA HIS B 643 -26.90 9.27 9.09
C HIS B 643 -26.59 7.86 9.57
N ILE B 644 -26.68 7.65 10.88
CA ILE B 644 -26.41 6.34 11.45
C ILE B 644 -27.11 6.23 12.80
N PHE B 645 -27.75 5.10 13.05
CA PHE B 645 -28.39 4.83 14.33
C PHE B 645 -27.46 3.91 15.11
N TYR B 646 -26.57 4.50 15.90
CA TYR B 646 -25.58 3.75 16.64
C TYR B 646 -26.19 3.23 17.94
N VAL B 647 -25.99 1.94 18.20
CA VAL B 647 -26.42 1.30 19.42
C VAL B 647 -25.19 0.70 20.09
N GLU B 648 -24.99 1.03 21.36
CA GLU B 648 -23.89 0.46 22.13
C GLU B 648 -24.42 -0.77 22.88
N ILE B 649 -23.91 -1.93 22.52
CA ILE B 649 -24.39 -3.21 23.05
C ILE B 649 -23.28 -3.84 23.88
N ASP B 650 -23.66 -4.32 25.07
CA ASP B 650 -22.69 -4.90 25.98
C ASP B 650 -22.17 -6.23 25.43
N GLY B 651 -21.06 -6.68 26.00
CA GLY B 651 -20.42 -7.90 25.53
C GLY B 651 -21.28 -9.14 25.69
N ASP B 652 -22.09 -9.20 26.74
CA ASP B 652 -22.92 -10.37 26.99
C ASP B 652 -23.92 -10.61 25.86
N ALA B 653 -24.33 -9.55 25.17
CA ALA B 653 -25.30 -9.67 24.09
C ALA B 653 -24.66 -10.06 22.76
N THR B 654 -23.33 -10.14 22.70
CA THR B 654 -22.66 -10.59 21.47
C THR B 654 -23.05 -12.02 21.13
N HIS B 655 -23.09 -12.91 22.12
CA HIS B 655 -23.40 -14.31 21.88
C HIS B 655 -24.84 -14.54 21.45
N ASN B 656 -25.73 -13.60 21.72
CA ASN B 656 -27.14 -13.76 21.39
C ASN B 656 -27.39 -13.14 20.01
N PRO B 657 -27.77 -13.92 19.00
CA PRO B 657 -28.06 -13.34 17.68
C PRO B 657 -29.41 -12.63 17.60
N SER B 658 -30.24 -12.73 18.65
CA SER B 658 -31.56 -12.12 18.62
C SER B 658 -31.50 -10.60 18.79
N VAL B 659 -30.52 -10.10 19.54
CA VAL B 659 -30.46 -8.66 19.82
C VAL B 659 -30.21 -7.89 18.53
N ILE B 660 -29.39 -8.43 17.64
CA ILE B 660 -29.17 -7.78 16.34
C ILE B 660 -30.45 -7.83 15.52
N GLU B 661 -31.16 -8.96 15.54
CA GLU B 661 -32.39 -9.09 14.77
C GLU B 661 -33.46 -8.13 15.28
N SER B 662 -33.54 -7.95 16.61
CA SER B 662 -34.53 -7.04 17.16
C SER B 662 -34.28 -5.60 16.71
N VAL B 663 -33.00 -5.21 16.63
CA VAL B 663 -32.68 -3.86 16.17
C VAL B 663 -33.13 -3.66 14.73
N VAL B 664 -32.90 -4.67 13.88
CA VAL B 664 -33.32 -4.58 12.49
C VAL B 664 -34.84 -4.45 12.39
N ASP B 665 -35.57 -5.23 13.20
CA ASP B 665 -37.02 -5.08 13.27
C ASP B 665 -37.40 -3.70 13.81
N MET B 666 -36.66 -3.22 14.81
CA MET B 666 -36.88 -1.86 15.32
C MET B 666 -36.63 -0.82 14.25
N MET B 667 -35.61 -1.03 13.42
CA MET B 667 -35.38 -0.15 12.28
C MET B 667 -36.52 -0.27 11.28
N ASP B 668 -37.12 -1.45 11.16
CA ASP B 668 -38.19 -1.66 10.19
C ASP B 668 -39.48 -0.95 10.61
N LYS B 669 -39.78 -0.95 11.91
CA LYS B 669 -41.04 -0.37 12.38
C LYS B 669 -41.10 1.12 12.09
N TYR B 670 -40.00 1.83 12.30
CA TYR B 670 -39.90 3.24 11.98
C TYR B 670 -39.27 3.41 10.60
N ASN B 671 -38.94 4.64 10.23
CA ASN B 671 -38.38 4.94 8.93
C ASN B 671 -36.86 5.09 8.97
N MET B 672 -36.19 4.35 9.85
CA MET B 672 -34.74 4.41 9.94
C MET B 672 -34.10 3.69 8.76
N GLY B 673 -33.06 4.31 8.20
CA GLY B 673 -32.42 3.77 7.01
C GLY B 673 -31.13 3.00 7.26
N TYR B 674 -30.23 3.58 8.05
CA TYR B 674 -28.91 3.00 8.28
C TYR B 674 -28.68 2.87 9.77
N GLY B 675 -28.23 1.70 10.20
CA GLY B 675 -27.95 1.46 11.60
C GLY B 675 -26.82 0.47 11.76
N SER B 676 -26.11 0.59 12.87
CA SER B 676 -24.98 -0.29 13.15
C SER B 676 -24.90 -0.53 14.65
N VAL B 677 -24.24 -1.61 15.03
CA VAL B 677 -24.07 -2.00 16.43
C VAL B 677 -22.58 -1.98 16.74
N ASN B 678 -22.20 -1.17 17.72
CA ASN B 678 -20.81 -1.08 18.15
C ASN B 678 -20.60 -1.81 19.46
N HIS B 679 -19.35 -2.15 19.72
CA HIS B 679 -18.95 -2.89 20.92
C HIS B 679 -17.44 -2.79 21.05
N ASN B 680 -16.95 -2.98 22.27
CA ASN B 680 -15.54 -2.84 22.58
C ASN B 680 -14.85 -4.20 22.56
N ARG B 681 -13.84 -4.34 21.71
CA ARG B 681 -13.01 -5.54 21.64
C ARG B 681 -11.61 -5.22 22.15
N ASN B 682 -10.85 -6.28 22.45
CA ASN B 682 -9.51 -6.16 22.99
C ASN B 682 -8.54 -6.93 22.09
N ARG B 683 -7.44 -6.28 21.72
CA ARG B 683 -6.44 -6.86 20.83
C ARG B 683 -5.21 -7.29 21.60
N CYS B 684 -4.36 -8.05 20.91
CA CYS B 684 -3.09 -8.51 21.47
C CYS B 684 -2.00 -8.26 20.45
N LEU B 685 -0.86 -7.72 20.90
CA LEU B 685 0.26 -7.43 20.02
C LEU B 685 1.13 -8.64 19.73
N ASP B 686 0.85 -9.78 20.36
CA ASP B 686 1.63 -10.99 20.12
C ASP B 686 0.79 -12.05 19.42
N CYS B 687 -0.36 -12.39 20.01
CA CYS B 687 -1.22 -13.41 19.42
C CYS B 687 -2.19 -12.80 18.41
N GLY B 688 -2.72 -11.63 18.73
CA GLY B 688 -3.75 -11.00 17.91
C GLY B 688 -5.16 -11.40 18.26
N TYR B 689 -5.36 -12.04 19.40
CA TYR B 689 -6.68 -12.54 19.79
C TYR B 689 -7.60 -11.40 20.20
N GLU B 690 -8.88 -11.55 19.86
CA GLU B 690 -9.92 -10.62 20.25
C GLU B 690 -11.00 -11.36 21.03
N ASN B 691 -11.48 -10.74 22.10
CA ASN B 691 -12.61 -11.26 22.86
C ASN B 691 -13.58 -10.12 23.15
N ALA B 692 -14.72 -10.48 23.73
CA ALA B 692 -15.81 -9.54 23.95
C ALA B 692 -15.93 -9.06 25.39
N ASP B 693 -14.92 -9.32 26.22
CA ASP B 693 -14.99 -8.91 27.62
C ASP B 693 -14.91 -7.39 27.73
N ALA B 694 -15.40 -6.88 28.85
CA ALA B 694 -15.44 -5.43 29.06
C ALA B 694 -14.04 -4.83 29.09
N HIS B 695 -13.12 -5.48 29.78
CA HIS B 695 -11.75 -4.98 29.89
C HIS B 695 -10.79 -6.16 29.93
N LEU B 696 -9.69 -6.07 29.19
CA LEU B 696 -8.68 -7.11 29.14
C LEU B 696 -7.31 -6.47 29.31
N GLU B 697 -6.44 -7.16 30.05
CA GLU B 697 -5.10 -6.66 30.35
C GLU B 697 -3.99 -7.62 29.93
N VAL B 698 -4.23 -8.93 30.03
CA VAL B 698 -3.27 -9.95 29.64
C VAL B 698 -3.97 -10.89 28.66
N CYS B 699 -3.31 -11.19 27.54
CA CYS B 699 -3.85 -12.12 26.56
C CYS B 699 -3.94 -13.52 27.17
N PRO B 700 -5.07 -14.21 27.02
CA PRO B 700 -5.20 -15.56 27.57
C PRO B 700 -4.18 -16.54 27.01
N LYS B 701 -3.81 -16.35 25.75
CA LYS B 701 -2.89 -17.28 25.08
C LYS B 701 -1.43 -16.99 25.44
N CYS B 702 -0.96 -15.80 25.08
CA CYS B 702 0.45 -15.45 25.24
C CYS B 702 0.77 -15.03 26.67
N GLY B 703 0.17 -13.93 27.12
CA GLY B 703 0.47 -13.39 28.43
C GLY B 703 0.99 -11.96 28.36
N SER B 704 1.05 -11.41 27.15
CA SER B 704 1.58 -10.06 26.98
C SER B 704 0.67 -9.05 27.64
N HIS B 705 1.27 -7.95 28.10
CA HIS B 705 0.56 -6.88 28.77
C HIS B 705 0.14 -5.76 27.82
N HIS B 706 0.41 -5.91 26.53
CA HIS B 706 0.07 -4.89 25.54
C HIS B 706 -1.31 -5.18 24.93
N ILE B 707 -2.31 -5.28 25.81
CA ILE B 707 -3.68 -5.57 25.38
C ILE B 707 -4.37 -4.23 25.15
N ASP B 708 -4.49 -3.86 23.89
CA ASP B 708 -5.13 -2.61 23.53
C ASP B 708 -6.64 -2.83 23.30
N LYS B 709 -7.36 -1.72 23.21
CA LYS B 709 -8.81 -1.74 23.06
C LYS B 709 -9.18 -1.58 21.60
N LEU B 710 -9.92 -2.54 21.06
CA LEU B 710 -10.38 -2.51 19.67
C LEU B 710 -11.82 -2.02 19.67
N GLN B 711 -12.01 -0.74 19.36
CA GLN B 711 -13.32 -0.10 19.41
C GLN B 711 -13.57 0.61 18.09
N ARG B 712 -14.73 1.25 17.99
CA ARG B 712 -15.18 1.91 16.79
C ARG B 712 -15.21 3.41 16.99
N ILE B 713 -14.83 4.15 15.96
CA ILE B 713 -14.93 5.60 15.96
C ILE B 713 -16.12 5.97 15.10
N THR B 714 -16.48 7.26 15.10
CA THR B 714 -17.69 7.72 14.44
C THR B 714 -17.77 7.35 12.96
N GLY B 715 -16.66 6.94 12.33
CA GLY B 715 -16.70 6.59 10.93
C GLY B 715 -16.03 5.29 10.52
N TYR B 716 -15.24 4.68 11.40
CA TYR B 716 -14.51 3.48 11.02
C TYR B 716 -14.11 2.72 12.28
N LEU B 717 -13.31 1.68 12.09
CA LEU B 717 -12.86 0.80 13.16
C LEU B 717 -11.33 0.85 13.23
N VAL B 718 -10.79 0.85 14.44
CA VAL B 718 -9.34 0.83 14.63
C VAL B 718 -9.04 0.46 16.08
N GLY B 719 -7.90 -0.17 16.29
CA GLY B 719 -7.34 -0.42 17.60
C GLY B 719 -6.33 0.65 17.98
N THR B 720 -5.33 0.25 18.78
CA THR B 720 -4.21 1.11 19.13
C THR B 720 -4.67 2.42 19.79
N THR B 721 -5.25 2.25 20.98
CA THR B 721 -5.73 3.41 21.75
C THR B 721 -4.65 4.47 21.95
N ASP B 722 -3.38 4.14 21.69
CA ASP B 722 -2.35 5.16 21.58
C ASP B 722 -2.58 6.10 20.40
N ARG B 723 -3.61 5.85 19.59
CA ARG B 723 -4.05 6.75 18.54
C ARG B 723 -5.53 7.07 18.70
N TRP B 724 -5.91 7.46 19.92
CA TRP B 724 -7.22 8.04 20.17
C TRP B 724 -7.01 9.48 20.59
N ASN B 725 -7.66 10.40 19.89
CA ASN B 725 -7.42 11.83 20.08
C ASN B 725 -7.86 12.26 21.48
N SER B 726 -7.24 13.34 21.97
CA SER B 726 -7.53 13.82 23.31
C SER B 726 -9.00 14.19 23.46
N GLY B 727 -9.56 14.87 22.45
CA GLY B 727 -10.99 15.16 22.48
C GLY B 727 -11.83 13.91 22.37
N LYS B 728 -11.44 12.99 21.48
CA LYS B 728 -12.23 11.78 21.27
C LYS B 728 -12.08 10.79 22.42
N LEU B 729 -10.90 10.72 23.04
CA LEU B 729 -10.73 9.83 24.18
C LEU B 729 -11.63 10.24 25.34
N ALA B 730 -11.92 11.54 25.45
CA ALA B 730 -12.88 11.99 26.45
C ALA B 730 -14.29 11.50 26.13
N GLU B 731 -14.68 11.56 24.85
CA GLU B 731 -16.00 11.07 24.44
C GLU B 731 -16.11 9.57 24.63
N LEU B 732 -15.03 8.83 24.35
CA LEU B 732 -15.06 7.38 24.49
C LEU B 732 -15.29 6.97 25.94
N HIS B 733 -14.66 7.68 26.88
CA HIS B 733 -14.77 7.31 28.30
C HIS B 733 -16.08 7.75 28.93
N ASP B 734 -17.09 8.16 28.16
CA ASP B 734 -18.38 8.53 28.72
C ASP B 734 -19.54 7.93 27.92
N ARG B 735 -19.28 6.95 27.08
CA ARG B 735 -20.33 6.33 26.29
C ARG B 735 -21.23 5.48 27.18
N VAL B 736 -22.52 5.46 26.86
CA VAL B 736 -23.53 4.71 27.61
C VAL B 736 -24.01 3.56 26.75
N THR B 737 -23.97 2.35 27.29
CA THR B 737 -24.35 1.15 26.56
C THR B 737 -25.84 0.86 26.74
N HIS B 738 -26.40 0.15 25.76
CA HIS B 738 -27.79 -0.28 25.77
C HIS B 738 -27.81 -1.79 25.75
N ILE B 739 -28.29 -2.40 26.84
CA ILE B 739 -28.32 -3.86 26.92
C ILE B 739 -29.20 -4.44 25.82
N GLY B 740 -30.35 -3.82 25.59
CA GLY B 740 -31.24 -4.26 24.53
C GLY B 740 -30.71 -3.93 23.14
#